data_2AX4
#
_entry.id   2AX4
#
_cell.length_a   52.914
_cell.length_b   131.892
_cell.length_c   70.562
_cell.angle_alpha   90.00
_cell.angle_beta   104.58
_cell.angle_gamma   90.00
#
_symmetry.space_group_name_H-M   'P 1 21 1'
#
loop_
_entity.id
_entity.type
_entity.pdbx_description
1 polymer "Bifunctional 3'-phosphoadenosine 5'-phosphosulfate synthetase 2"
2 non-polymer "ADENOSINE-5'-DIPHOSPHATE"
3 water water
#
_entity_poly.entity_id   1
_entity_poly.type   'polypeptide(L)'
_entity_poly.pdbx_seq_one_letter_code
;QAHHVSRNKRGQVVGTRGGFRGCTVWLTGLSGAGKTTISFALEEYLVSHAIPCYSLDGDNVRHGLNRNLGFSPGDREENI
RRIAEVAKLFADAGLVCITSFISPFAKDRENARKIHESAGLPFFEIFVDAPLNICESRDVKGLYKRARAGEIKGFTGIDS
DYEKPETPERVLKTNLSTVSDCVHQVVELLQEQNIVPY
;
_entity_poly.pdbx_strand_id   A,B,C,D
#
# COMPACT_ATOMS: atom_id res chain seq x y z
N GLN A 1 -0.66 13.30 13.01
CA GLN A 1 -1.23 12.20 12.13
C GLN A 1 -0.29 11.00 11.94
N ALA A 2 -0.79 9.79 12.21
CA ALA A 2 -0.08 8.57 11.76
C ALA A 2 -0.30 8.41 10.23
N HIS A 3 0.75 7.97 9.54
CA HIS A 3 0.69 7.84 8.09
C HIS A 3 -0.04 6.55 7.74
N HIS A 4 -1.14 6.66 7.00
CA HIS A 4 -1.91 5.51 6.54
C HIS A 4 -2.37 5.69 5.11
N VAL A 5 -2.89 4.63 4.53
CA VAL A 5 -3.57 4.71 3.25
C VAL A 5 -4.85 5.51 3.46
N SER A 6 -5.18 6.37 2.50
CA SER A 6 -6.35 7.22 2.61
C SER A 6 -7.69 6.46 2.51
N ARG A 7 -8.71 7.07 3.11
CA ARG A 7 -10.08 6.65 3.06
C ARG A 7 -10.50 6.40 1.61
N ASN A 8 -10.13 7.32 0.71
CA ASN A 8 -10.45 7.17 -0.70
C ASN A 8 -9.69 6.02 -1.37
N LYS A 9 -8.46 5.77 -0.91
CA LYS A 9 -7.74 4.57 -1.37
C LYS A 9 -8.41 3.31 -0.83
N ARG A 10 -8.66 3.28 0.49
CA ARG A 10 -9.45 2.18 1.11
C ARG A 10 -10.75 1.89 0.39
N GLY A 11 -11.31 2.89 -0.28
CA GLY A 11 -12.57 2.75 -0.98
C GLY A 11 -12.51 1.82 -2.18
N GLN A 12 -11.32 1.64 -2.77
CA GLN A 12 -11.19 0.79 -3.98
C GLN A 12 -11.36 -0.68 -3.61
N VAL A 13 -10.80 -1.05 -2.47
CA VAL A 13 -10.53 -2.46 -2.20
C VAL A 13 -11.60 -3.09 -1.35
N VAL A 14 -12.30 -2.27 -0.55
CA VAL A 14 -13.38 -2.73 0.31
C VAL A 14 -14.62 -3.05 -0.54
N GLY A 15 -14.93 -4.34 -0.64
CA GLY A 15 -16.11 -4.72 -1.39
C GLY A 15 -15.87 -4.49 -2.86
N THR A 16 -16.90 -4.66 -3.66
CA THR A 16 -16.68 -4.60 -5.10
C THR A 16 -16.96 -3.17 -5.59
N ARG A 17 -18.21 -2.76 -5.55
CA ARG A 17 -18.57 -1.35 -5.63
C ARG A 17 -17.45 -0.40 -5.15
N GLY A 18 -16.95 0.47 -6.05
CA GLY A 18 -15.93 1.45 -5.70
C GLY A 18 -16.54 2.62 -4.96
N GLY A 19 -15.74 3.29 -4.12
CA GLY A 19 -16.17 4.45 -3.38
C GLY A 19 -16.04 4.16 -1.91
N PHE A 20 -15.81 5.19 -1.10
CA PHE A 20 -15.69 4.98 0.34
C PHE A 20 -17.07 5.02 0.98
N ARG A 21 -17.58 3.88 1.38
CA ARG A 21 -18.95 3.85 1.90
C ARG A 21 -19.04 3.52 3.40
N GLY A 22 -17.94 3.72 4.12
CA GLY A 22 -17.92 3.57 5.58
C GLY A 22 -18.89 4.52 6.27
N CYS A 23 -19.54 4.01 7.32
CA CYS A 23 -20.51 4.75 8.13
C CYS A 23 -21.05 3.92 9.30
N THR A 24 -21.80 4.56 10.19
CA THR A 24 -22.46 3.86 11.25
C THR A 24 -23.97 4.06 11.23
N VAL A 25 -24.69 2.93 11.18
CA VAL A 25 -26.14 2.95 11.38
C VAL A 25 -26.32 2.71 12.88
N TRP A 26 -26.81 3.72 13.59
CA TRP A 26 -26.97 3.65 15.04
C TRP A 26 -28.47 3.44 15.44
N LEU A 27 -28.80 2.20 15.77
CA LEU A 27 -30.17 1.81 16.12
C LEU A 27 -30.37 2.10 17.59
N THR A 28 -31.49 2.72 17.91
CA THR A 28 -31.78 3.09 19.29
C THR A 28 -33.25 2.85 19.51
N GLY A 29 -33.57 2.40 20.73
CA GLY A 29 -34.94 2.15 21.12
C GLY A 29 -35.08 1.16 22.26
N LEU A 30 -36.32 1.00 22.71
CA LEU A 30 -36.64 0.26 23.92
C LEU A 30 -36.22 -1.19 23.73
N SER A 31 -35.96 -1.87 24.85
CA SER A 31 -35.75 -3.30 24.81
C SER A 31 -36.95 -4.02 24.12
N GLY A 32 -36.67 -4.81 23.11
CA GLY A 32 -37.78 -5.50 22.45
C GLY A 32 -38.45 -4.67 21.36
N ALA A 33 -38.02 -3.43 21.17
CA ALA A 33 -38.60 -2.62 20.11
C ALA A 33 -38.30 -3.15 18.69
N GLY A 34 -37.26 -3.99 18.55
CA GLY A 34 -36.89 -4.55 17.26
C GLY A 34 -35.51 -4.30 16.66
N LYS A 35 -34.57 -3.83 17.49
CA LYS A 35 -33.18 -3.55 17.02
C LYS A 35 -32.38 -4.76 16.45
N THR A 36 -32.29 -5.85 17.22
CA THR A 36 -31.59 -7.06 16.78
C THR A 36 -32.16 -7.60 15.44
N THR A 37 -33.50 -7.68 15.37
CA THR A 37 -34.22 -8.05 14.15
C THR A 37 -33.93 -7.17 12.92
N ILE A 38 -34.02 -5.85 13.09
CA ILE A 38 -33.80 -4.93 11.97
C ILE A 38 -32.34 -5.03 11.55
N SER A 39 -31.47 -5.21 12.55
CA SER A 39 -30.03 -5.22 12.32
C SER A 39 -29.65 -6.45 11.52
N PHE A 40 -30.24 -7.58 11.86
CA PHE A 40 -30.07 -8.83 11.12
C PHE A 40 -30.58 -8.67 9.69
N ALA A 41 -31.78 -8.12 9.50
CA ALA A 41 -32.31 -8.03 8.15
C ALA A 41 -31.53 -7.04 7.28
N LEU A 42 -31.08 -5.94 7.87
CA LEU A 42 -30.16 -5.01 7.20
C LEU A 42 -28.82 -5.63 6.82
N GLU A 43 -28.21 -6.32 7.78
CA GLU A 43 -26.99 -7.06 7.54
C GLU A 43 -27.19 -8.02 6.36
N GLU A 44 -28.30 -8.76 6.35
CA GLU A 44 -28.67 -9.62 5.21
C GLU A 44 -28.82 -8.88 3.89
N TYR A 45 -29.55 -7.75 3.91
CA TYR A 45 -29.67 -6.95 2.72
C TYR A 45 -28.27 -6.54 2.22
N LEU A 46 -27.42 -6.10 3.15
CA LEU A 46 -26.14 -5.55 2.75
C LEU A 46 -25.24 -6.60 2.14
N VAL A 47 -25.14 -7.74 2.83
CA VAL A 47 -24.33 -8.86 2.37
C VAL A 47 -24.83 -9.36 1.01
N SER A 48 -26.15 -9.48 0.87
CA SER A 48 -26.79 -9.86 -0.42
C SER A 48 -26.53 -8.89 -1.56
N HIS A 49 -26.20 -7.65 -1.23
CA HIS A 49 -25.89 -6.67 -2.24
C HIS A 49 -24.42 -6.32 -2.28
N ALA A 50 -23.61 -7.13 -1.61
CA ALA A 50 -22.17 -7.10 -1.80
C ALA A 50 -21.55 -5.86 -1.16
N ILE A 51 -22.22 -5.34 -0.13
CA ILE A 51 -21.66 -4.25 0.70
C ILE A 51 -21.18 -4.72 2.07
N PRO A 52 -19.84 -4.74 2.26
CA PRO A 52 -19.23 -5.19 3.48
C PRO A 52 -19.78 -4.43 4.68
N CYS A 53 -20.19 -5.19 5.69
CA CYS A 53 -20.76 -4.58 6.86
C CYS A 53 -20.38 -5.36 8.14
N TYR A 54 -20.61 -4.75 9.30
CA TYR A 54 -20.40 -5.43 10.58
C TYR A 54 -21.31 -4.89 11.66
N SER A 55 -21.80 -5.82 12.46
CA SER A 55 -22.78 -5.54 13.47
C SER A 55 -22.14 -5.62 14.87
N LEU A 56 -22.30 -4.58 15.65
CA LEU A 56 -21.91 -4.61 17.05
C LEU A 56 -23.19 -4.70 17.82
N ASP A 57 -23.24 -5.65 18.75
CA ASP A 57 -24.41 -5.79 19.63
C ASP A 57 -23.89 -6.34 20.95
N GLY A 58 -24.83 -6.73 21.84
CA GLY A 58 -24.47 -7.34 23.12
C GLY A 58 -23.74 -8.65 22.91
N ASP A 59 -24.10 -9.41 21.88
CA ASP A 59 -23.39 -10.66 21.62
C ASP A 59 -21.87 -10.53 21.40
N ASN A 60 -21.39 -9.62 20.55
CA ASN A 60 -19.92 -9.50 20.38
C ASN A 60 -19.23 -8.44 21.25
N VAL A 61 -20.03 -7.59 21.92
CA VAL A 61 -19.43 -6.50 22.72
C VAL A 61 -19.39 -6.84 24.20
N ARG A 62 -20.55 -7.26 24.75
CA ARG A 62 -20.74 -7.34 26.18
C ARG A 62 -19.86 -8.37 26.90
N HIS A 63 -19.51 -9.47 26.25
CA HIS A 63 -18.65 -10.43 26.93
C HIS A 63 -17.22 -10.38 26.38
N GLY A 64 -16.84 -9.22 25.83
CA GLY A 64 -15.50 -9.01 25.26
C GLY A 64 -14.97 -7.67 25.67
N LEU A 65 -15.00 -6.72 24.75
CA LEU A 65 -14.58 -5.35 25.00
C LEU A 65 -15.20 -4.80 26.29
N ASN A 66 -16.49 -5.01 26.46
CA ASN A 66 -17.18 -4.40 27.57
C ASN A 66 -17.47 -5.38 28.69
N ARG A 67 -16.76 -6.52 28.73
CA ARG A 67 -17.01 -7.48 29.79
C ARG A 67 -16.64 -6.97 31.20
N ASN A 68 -15.85 -5.92 31.31
CA ASN A 68 -15.53 -5.48 32.63
C ASN A 68 -16.50 -4.37 33.08
N LEU A 69 -17.65 -4.26 32.38
CA LEU A 69 -18.66 -3.24 32.69
C LEU A 69 -19.97 -3.82 33.26
N GLY A 70 -20.49 -3.18 34.31
CA GLY A 70 -21.83 -3.50 34.86
C GLY A 70 -22.91 -2.46 34.57
N PHE A 71 -23.80 -2.23 35.52
CA PHE A 71 -24.99 -1.44 35.18
C PHE A 71 -25.18 -0.10 35.87
N SER A 72 -24.15 0.37 36.58
CA SER A 72 -24.21 1.67 37.20
C SER A 72 -24.32 2.72 36.11
N PRO A 73 -24.86 3.90 36.45
CA PRO A 73 -24.98 4.98 35.44
C PRO A 73 -23.63 5.30 34.75
N GLY A 74 -22.55 5.38 35.52
CA GLY A 74 -21.21 5.61 34.95
C GLY A 74 -20.73 4.49 34.03
N ASP A 75 -21.03 3.24 34.39
CA ASP A 75 -20.65 2.09 33.58
C ASP A 75 -21.40 1.97 32.26
N ARG A 76 -22.68 2.35 32.27
CA ARG A 76 -23.51 2.33 31.06
C ARG A 76 -23.07 3.42 30.11
N GLU A 77 -22.52 4.49 30.68
CA GLU A 77 -22.04 5.62 29.90
C GLU A 77 -20.72 5.24 29.21
N GLU A 78 -19.87 4.53 29.95
CA GLU A 78 -18.66 3.95 29.39
C GLU A 78 -18.97 2.88 28.33
N ASN A 79 -19.97 2.06 28.62
CA ASN A 79 -20.41 1.05 27.70
C ASN A 79 -20.60 1.64 26.32
N ILE A 80 -21.37 2.72 26.27
CA ILE A 80 -21.80 3.30 25.01
C ILE A 80 -20.67 4.07 24.38
N ARG A 81 -19.80 4.62 25.20
CA ARG A 81 -18.67 5.36 24.70
C ARG A 81 -17.79 4.41 23.93
N ARG A 82 -17.41 3.29 24.56
CA ARG A 82 -16.56 2.32 23.90
C ARG A 82 -17.14 1.82 22.55
N ILE A 83 -18.41 1.44 22.61
CA ILE A 83 -19.15 1.09 21.44
C ILE A 83 -19.03 2.15 20.35
N ALA A 84 -19.25 3.42 20.71
CA ALA A 84 -19.22 4.46 19.71
C ALA A 84 -17.83 4.59 19.06
N GLU A 85 -16.77 4.48 19.86
CA GLU A 85 -15.42 4.63 19.33
C GLU A 85 -15.10 3.51 18.34
N VAL A 86 -15.48 2.27 18.68
CA VAL A 86 -15.19 1.11 17.83
C VAL A 86 -16.00 1.20 16.53
N ALA A 87 -17.28 1.52 16.67
CA ALA A 87 -18.12 1.82 15.51
C ALA A 87 -17.41 2.79 14.55
N LYS A 88 -16.90 3.90 15.11
CA LYS A 88 -16.13 4.86 14.34
C LYS A 88 -14.92 4.21 13.62
N LEU A 89 -14.20 3.31 14.30
CA LEU A 89 -13.08 2.58 13.66
C LEU A 89 -13.58 1.72 12.49
N PHE A 90 -14.74 1.07 12.63
CA PHE A 90 -15.31 0.31 11.51
C PHE A 90 -15.79 1.22 10.35
N ALA A 91 -16.37 2.38 10.66
CA ALA A 91 -16.74 3.33 9.60
C ALA A 91 -15.48 3.72 8.83
N ASP A 92 -14.41 4.06 9.56
CA ASP A 92 -13.13 4.52 9.01
C ASP A 92 -12.42 3.41 8.17
N ALA A 93 -12.62 2.15 8.52
CA ALA A 93 -12.13 1.07 7.68
C ALA A 93 -12.99 0.87 6.40
N GLY A 94 -14.11 1.55 6.30
CA GLY A 94 -14.92 1.43 5.10
C GLY A 94 -16.09 0.49 5.17
N LEU A 95 -16.31 -0.11 6.33
CA LEU A 95 -17.46 -1.00 6.50
C LEU A 95 -18.66 -0.21 6.91
N VAL A 96 -19.84 -0.75 6.64
CA VAL A 96 -21.09 -0.23 7.19
C VAL A 96 -21.23 -0.82 8.57
N CYS A 97 -21.18 0.02 9.61
CA CYS A 97 -21.32 -0.46 11.01
C CYS A 97 -22.72 -0.28 11.57
N ILE A 98 -23.32 -1.39 12.00
CA ILE A 98 -24.68 -1.39 12.55
C ILE A 98 -24.65 -1.68 14.04
N THR A 99 -25.10 -0.74 14.84
CA THR A 99 -25.06 -0.95 16.27
C THR A 99 -26.49 -1.16 16.74
N SER A 100 -26.70 -2.00 17.76
CA SER A 100 -28.06 -2.27 18.25
C SER A 100 -28.24 -2.21 19.76
N PHE A 101 -27.83 -1.09 20.36
CA PHE A 101 -27.99 -0.90 21.79
C PHE A 101 -29.16 0.01 22.13
N ILE A 102 -29.97 -0.40 23.12
CA ILE A 102 -30.94 0.50 23.71
C ILE A 102 -29.98 1.58 23.96
N SER A 103 -30.19 2.77 23.47
CA SER A 103 -29.16 3.70 23.94
C SER A 103 -29.93 4.89 24.32
N PRO A 104 -30.52 4.84 25.54
CA PRO A 104 -31.63 5.65 26.02
C PRO A 104 -31.36 7.15 26.14
N PHE A 105 -30.14 7.54 26.47
CA PHE A 105 -29.95 8.95 26.82
C PHE A 105 -29.45 9.72 25.61
N ALA A 106 -30.12 10.83 25.31
CA ALA A 106 -29.71 11.69 24.22
C ALA A 106 -28.24 12.04 24.39
N LYS A 107 -27.80 12.31 25.62
CA LYS A 107 -26.40 12.69 25.81
C LYS A 107 -25.41 11.68 25.18
N ASP A 108 -25.57 10.40 25.48
CA ASP A 108 -24.73 9.35 24.88
C ASP A 108 -24.90 9.21 23.34
N ARG A 109 -26.11 9.41 22.82
CA ARG A 109 -26.33 9.24 21.37
C ARG A 109 -25.64 10.36 20.64
N GLU A 110 -25.81 11.57 21.17
CA GLU A 110 -25.32 12.77 20.56
C GLU A 110 -23.80 12.82 20.63
N ASN A 111 -23.27 12.25 21.71
CA ASN A 111 -21.83 12.02 21.79
C ASN A 111 -21.28 11.01 20.76
N ALA A 112 -21.99 9.89 20.56
CA ALA A 112 -21.66 8.97 19.46
C ALA A 112 -21.62 9.71 18.12
N ARG A 113 -22.67 10.49 17.87
CA ARG A 113 -22.77 11.29 16.65
C ARG A 113 -21.53 12.21 16.50
N LYS A 114 -21.16 12.87 17.58
CA LYS A 114 -20.11 13.86 17.55
C LYS A 114 -18.75 13.26 17.16
N ILE A 115 -18.39 12.08 17.71
CA ILE A 115 -17.12 11.45 17.35
C ILE A 115 -17.05 11.02 15.89
N HIS A 116 -18.18 10.62 15.33
CA HIS A 116 -18.24 10.31 13.92
C HIS A 116 -18.08 11.59 13.08
N GLU A 117 -18.81 12.63 13.47
CA GLU A 117 -18.78 13.88 12.72
C GLU A 117 -17.39 14.49 12.77
N SER A 118 -16.76 14.48 13.96
CA SER A 118 -15.38 14.94 14.09
C SER A 118 -14.45 14.24 13.10
N ALA A 119 -14.71 12.96 12.87
CA ALA A 119 -13.89 12.17 11.95
C ALA A 119 -14.37 12.26 10.49
N GLY A 120 -15.37 13.11 10.24
CA GLY A 120 -15.98 13.19 8.92
C GLY A 120 -16.68 11.93 8.43
N LEU A 121 -17.24 11.13 9.34
CA LEU A 121 -17.86 9.85 8.97
C LEU A 121 -19.36 9.94 9.18
N PRO A 122 -20.16 9.48 8.19
CA PRO A 122 -21.61 9.56 8.36
C PRO A 122 -22.15 8.75 9.55
N PHE A 123 -23.12 9.34 10.25
CA PHE A 123 -23.78 8.73 11.38
C PHE A 123 -25.33 8.78 11.20
N PHE A 124 -25.99 7.63 11.11
CA PHE A 124 -27.44 7.62 10.98
C PHE A 124 -28.11 7.06 12.20
N GLU A 125 -28.81 7.96 12.91
CA GLU A 125 -29.50 7.62 14.14
C GLU A 125 -30.87 7.16 13.72
N ILE A 126 -31.28 5.96 14.18
CA ILE A 126 -32.47 5.27 13.73
C ILE A 126 -33.35 4.94 14.94
N PHE A 127 -34.45 5.65 15.08
CA PHE A 127 -35.34 5.40 16.20
C PHE A 127 -36.21 4.20 15.85
N VAL A 128 -35.92 3.09 16.53
CA VAL A 128 -36.68 1.86 16.40
C VAL A 128 -37.74 2.00 17.45
N ASP A 129 -38.92 2.42 17.00
CA ASP A 129 -39.98 2.97 17.86
C ASP A 129 -41.23 2.06 17.98
N ALA A 130 -41.38 1.47 19.16
CA ALA A 130 -42.61 0.76 19.48
C ALA A 130 -43.10 1.22 20.85
N PRO A 131 -44.40 1.13 21.11
CA PRO A 131 -44.81 1.46 22.49
C PRO A 131 -44.30 0.47 23.55
N LEU A 132 -44.04 0.97 24.75
CA LEU A 132 -43.53 0.19 25.87
C LEU A 132 -44.39 -1.04 26.17
N ASN A 133 -45.71 -0.85 26.22
CA ASN A 133 -46.60 -2.00 26.48
C ASN A 133 -46.42 -3.13 25.44
N ILE A 134 -46.23 -2.75 24.16
CA ILE A 134 -45.98 -3.73 23.09
C ILE A 134 -44.64 -4.45 23.29
N CYS A 135 -43.60 -3.68 23.59
CA CYS A 135 -42.34 -4.28 23.99
C CYS A 135 -42.48 -5.20 25.19
N GLU A 136 -43.29 -4.81 26.17
CA GLU A 136 -43.46 -5.57 27.40
C GLU A 136 -44.21 -6.89 27.16
N SER A 137 -45.14 -6.92 26.21
CA SER A 137 -45.84 -8.15 25.85
C SER A 137 -45.00 -9.11 25.01
N ARG A 138 -43.98 -8.61 24.32
CA ARG A 138 -43.09 -9.46 23.53
C ARG A 138 -42.16 -10.12 24.50
N ASP A 139 -41.74 -9.35 25.50
CA ASP A 139 -40.75 -9.76 26.49
C ASP A 139 -39.89 -10.83 25.85
N VAL A 140 -39.09 -10.44 24.88
CA VAL A 140 -38.32 -11.39 24.08
C VAL A 140 -37.45 -12.28 24.98
N LYS A 141 -36.76 -11.68 25.94
CA LYS A 141 -35.75 -12.35 26.76
C LYS A 141 -36.20 -12.51 28.24
N GLY A 142 -37.41 -12.08 28.56
CA GLY A 142 -37.90 -12.17 29.94
C GLY A 142 -37.37 -11.09 30.87
N LEU A 143 -36.74 -10.07 30.31
CA LEU A 143 -36.24 -8.96 31.10
C LEU A 143 -37.36 -8.16 31.75
N TYR A 144 -38.45 -7.88 31.02
CA TYR A 144 -39.50 -7.07 31.64
C TYR A 144 -40.06 -7.73 32.93
N LYS A 145 -40.21 -9.04 32.93
CA LYS A 145 -40.81 -9.68 34.10
C LYS A 145 -39.80 -9.67 35.26
N ARG A 146 -38.52 -9.81 34.93
CA ARG A 146 -37.47 -9.71 35.91
C ARG A 146 -37.38 -8.29 36.50
N ALA A 147 -37.41 -7.29 35.62
CA ALA A 147 -37.39 -5.89 36.03
C ALA A 147 -38.60 -5.52 36.92
N ARG A 148 -39.78 -5.96 36.52
CA ARG A 148 -40.99 -5.71 37.31
C ARG A 148 -40.84 -6.32 38.70
N ALA A 149 -40.24 -7.50 38.75
CA ALA A 149 -40.09 -8.24 39.99
C ALA A 149 -38.91 -7.74 40.83
N GLY A 150 -38.16 -6.76 40.33
CA GLY A 150 -37.11 -6.12 41.13
C GLY A 150 -35.77 -6.82 41.08
N GLU A 151 -35.68 -7.90 40.30
CA GLU A 151 -34.43 -8.66 40.13
C GLU A 151 -33.42 -7.90 39.28
N ILE A 152 -33.92 -6.96 38.47
CA ILE A 152 -33.09 -5.99 37.72
C ILE A 152 -33.59 -4.59 38.09
N LYS A 153 -32.68 -3.65 38.32
CA LYS A 153 -33.05 -2.25 38.53
C LYS A 153 -32.42 -1.40 37.46
N GLY A 154 -32.90 -0.16 37.33
CA GLY A 154 -32.36 0.77 36.34
C GLY A 154 -32.70 0.34 34.92
N PHE A 155 -33.74 -0.48 34.77
CA PHE A 155 -34.07 -1.01 33.47
C PHE A 155 -34.85 0.02 32.68
N THR A 156 -34.30 0.42 31.54
CA THR A 156 -34.91 1.45 30.76
C THR A 156 -36.37 1.10 30.39
N GLY A 157 -37.26 2.08 30.57
CA GLY A 157 -38.69 1.87 30.41
C GLY A 157 -39.44 1.63 31.70
N ILE A 158 -38.76 1.10 32.71
CA ILE A 158 -39.41 0.82 34.00
C ILE A 158 -38.91 1.72 35.15
N ASP A 159 -37.64 1.64 35.54
CA ASP A 159 -37.16 2.59 36.54
C ASP A 159 -35.95 3.37 36.06
N SER A 160 -35.88 3.59 34.75
CA SER A 160 -35.08 4.65 34.11
C SER A 160 -35.65 5.03 32.74
N ASP A 161 -35.32 6.25 32.31
CA ASP A 161 -35.98 6.89 31.17
C ASP A 161 -35.44 6.43 29.84
N TYR A 162 -36.34 6.34 28.85
CA TYR A 162 -35.93 6.35 27.45
C TYR A 162 -36.17 7.75 26.99
N GLU A 163 -35.14 8.39 26.44
CA GLU A 163 -35.27 9.75 25.90
C GLU A 163 -35.39 9.69 24.37
N LYS A 164 -36.62 9.84 23.88
CA LYS A 164 -36.91 9.75 22.44
C LYS A 164 -35.98 10.66 21.65
N PRO A 165 -35.34 10.11 20.61
CA PRO A 165 -34.55 10.90 19.68
C PRO A 165 -35.37 12.05 19.09
N GLU A 166 -34.83 13.27 19.17
CA GLU A 166 -35.52 14.48 18.68
C GLU A 166 -35.51 14.61 17.15
N THR A 167 -34.33 14.40 16.56
CA THR A 167 -34.16 14.53 15.11
C THR A 167 -33.52 13.29 14.45
N PRO A 168 -34.09 12.09 14.66
CA PRO A 168 -33.41 10.93 14.10
C PRO A 168 -33.51 10.94 12.58
N GLU A 169 -32.70 10.14 11.89
CA GLU A 169 -32.69 10.17 10.44
C GLU A 169 -33.86 9.41 9.86
N ARG A 170 -34.28 8.33 10.54
CA ARG A 170 -35.49 7.56 10.22
C ARG A 170 -36.21 7.16 11.53
N VAL A 171 -37.54 7.09 11.51
CA VAL A 171 -38.29 6.47 12.59
C VAL A 171 -38.93 5.20 12.03
N LEU A 172 -38.59 4.07 12.65
CA LEU A 172 -39.19 2.80 12.32
C LEU A 172 -40.28 2.49 13.36
N LYS A 173 -41.53 2.59 12.95
CA LYS A 173 -42.68 2.21 13.78
C LYS A 173 -42.86 0.69 13.72
N THR A 174 -42.21 -0.05 14.59
CA THR A 174 -42.18 -1.52 14.50
C THR A 174 -43.45 -2.26 14.96
N ASN A 175 -44.37 -1.58 15.61
CA ASN A 175 -45.64 -2.22 15.91
C ASN A 175 -46.69 -2.00 14.83
N LEU A 176 -46.38 -1.16 13.83
CA LEU A 176 -47.34 -0.75 12.79
C LEU A 176 -46.92 -1.11 11.36
N SER A 177 -45.83 -1.86 11.21
CA SER A 177 -45.36 -2.33 9.89
C SER A 177 -44.40 -3.51 10.02
N THR A 178 -44.08 -4.13 8.89
CA THR A 178 -43.26 -5.31 8.86
C THR A 178 -41.77 -4.99 8.98
N VAL A 179 -41.00 -6.04 9.28
CA VAL A 179 -39.55 -6.00 9.35
C VAL A 179 -39.02 -5.43 8.02
N SER A 180 -39.58 -5.96 6.93
CA SER A 180 -39.22 -5.62 5.57
C SER A 180 -39.48 -4.14 5.23
N ASP A 181 -40.63 -3.63 5.67
CA ASP A 181 -40.92 -2.21 5.53
C ASP A 181 -39.93 -1.34 6.30
N CYS A 182 -39.62 -1.74 7.53
CA CYS A 182 -38.70 -1.00 8.38
C CYS A 182 -37.27 -0.95 7.84
N VAL A 183 -36.77 -2.11 7.46
CA VAL A 183 -35.48 -2.25 6.81
C VAL A 183 -35.46 -1.32 5.61
N HIS A 184 -36.43 -1.49 4.71
CA HIS A 184 -36.51 -0.69 3.49
C HIS A 184 -36.35 0.82 3.75
N GLN A 185 -36.88 1.27 4.87
CA GLN A 185 -36.73 2.66 5.29
C GLN A 185 -35.26 3.03 5.50
N VAL A 186 -34.48 2.13 6.08
CA VAL A 186 -33.07 2.37 6.33
C VAL A 186 -32.32 2.28 5.01
N VAL A 187 -32.58 1.22 4.23
CA VAL A 187 -31.99 1.05 2.93
C VAL A 187 -32.19 2.30 2.05
N GLU A 188 -33.39 2.87 2.04
CA GLU A 188 -33.65 4.09 1.22
C GLU A 188 -32.73 5.23 1.59
N LEU A 189 -32.52 5.38 2.89
CA LEU A 189 -31.69 6.42 3.44
C LEU A 189 -30.26 6.22 2.95
N LEU A 190 -29.81 4.95 2.97
CA LEU A 190 -28.45 4.64 2.55
C LEU A 190 -28.34 4.89 1.08
N GLN A 191 -29.42 4.65 0.36
CA GLN A 191 -29.42 4.99 -1.06
C GLN A 191 -29.28 6.50 -1.23
N GLU A 192 -30.18 7.24 -0.59
CA GLU A 192 -30.18 8.69 -0.70
C GLU A 192 -28.84 9.35 -0.32
N GLN A 193 -28.04 8.63 0.48
CA GLN A 193 -26.74 9.11 0.99
C GLN A 193 -25.56 8.43 0.28
N ASN A 194 -25.87 7.82 -0.87
CA ASN A 194 -24.91 7.15 -1.76
C ASN A 194 -24.09 6.01 -1.15
N ILE A 195 -24.54 5.47 -0.02
CA ILE A 195 -23.81 4.39 0.66
C ILE A 195 -24.11 3.08 -0.04
N VAL A 196 -25.36 2.99 -0.52
CA VAL A 196 -25.89 1.78 -1.12
C VAL A 196 -26.48 2.12 -2.49
N PRO A 197 -26.12 1.35 -3.54
CA PRO A 197 -26.61 1.55 -4.90
C PRO A 197 -28.12 1.37 -5.02
N TYR A 198 -28.73 2.10 -5.96
CA TYR A 198 -30.11 1.85 -6.38
C TYR A 198 -30.19 0.56 -7.17
N HIS B 4 -27.32 -13.22 12.95
CA HIS B 4 -26.07 -12.84 12.23
C HIS B 4 -25.78 -13.69 11.01
N VAL B 5 -25.12 -13.07 10.04
CA VAL B 5 -24.73 -13.71 8.80
C VAL B 5 -23.42 -14.44 9.08
N SER B 6 -23.34 -15.69 8.64
CA SER B 6 -22.16 -16.51 8.85
C SER B 6 -20.87 -15.77 8.45
N ARG B 7 -19.83 -16.03 9.22
CA ARG B 7 -18.51 -15.45 9.02
C ARG B 7 -18.00 -15.67 7.60
N ASN B 8 -18.12 -16.91 7.16
CA ASN B 8 -17.86 -17.28 5.79
C ASN B 8 -18.58 -16.38 4.77
N LYS B 9 -19.92 -16.33 4.78
CA LYS B 9 -20.72 -15.50 3.85
C LYS B 9 -20.31 -14.02 3.86
N ARG B 10 -20.04 -13.44 5.04
CA ARG B 10 -19.45 -12.08 5.17
C ARG B 10 -18.10 -11.95 4.47
N GLY B 11 -17.25 -12.97 4.59
CA GLY B 11 -15.98 -13.01 3.89
C GLY B 11 -16.07 -12.82 2.39
N GLN B 12 -17.02 -13.48 1.74
CA GLN B 12 -17.18 -13.37 0.27
C GLN B 12 -17.20 -11.92 -0.19
N VAL B 13 -17.86 -11.05 0.58
CA VAL B 13 -18.14 -9.71 0.10
C VAL B 13 -17.14 -8.66 0.57
N VAL B 14 -16.19 -9.07 1.41
CA VAL B 14 -15.25 -8.09 1.95
C VAL B 14 -14.31 -7.46 0.89
N GLY B 15 -13.83 -8.26 -0.05
CA GLY B 15 -13.04 -7.73 -1.17
C GLY B 15 -13.27 -8.48 -2.45
N THR B 16 -12.52 -8.14 -3.49
CA THR B 16 -12.65 -8.84 -4.78
C THR B 16 -12.05 -10.26 -4.67
N ARG B 17 -11.00 -10.44 -3.89
CA ARG B 17 -10.53 -11.79 -3.58
C ARG B 17 -11.59 -12.56 -2.81
N GLY B 18 -11.56 -13.88 -2.92
CA GLY B 18 -12.66 -14.67 -2.36
C GLY B 18 -12.31 -15.41 -1.08
N GLY B 19 -13.33 -15.70 -0.28
CA GLY B 19 -13.10 -16.50 0.89
C GLY B 19 -12.99 -15.63 2.10
N PHE B 20 -12.41 -16.19 3.15
CA PHE B 20 -12.43 -15.51 4.40
C PHE B 20 -11.01 -15.26 4.83
N ARG B 21 -10.59 -13.99 4.87
CA ARG B 21 -9.20 -13.67 5.21
C ARG B 21 -8.95 -12.87 6.49
N GLY B 22 -9.98 -12.78 7.33
CA GLY B 22 -9.87 -12.11 8.62
C GLY B 22 -8.84 -12.74 9.54
N CYS B 23 -7.98 -11.91 10.12
CA CYS B 23 -6.94 -12.33 11.02
C CYS B 23 -6.35 -11.09 11.66
N THR B 24 -5.58 -11.30 12.73
CA THR B 24 -4.89 -10.20 13.40
C THR B 24 -3.38 -10.41 13.36
N VAL B 25 -2.70 -9.43 12.79
CA VAL B 25 -1.24 -9.43 12.72
C VAL B 25 -0.73 -8.55 13.86
N TRP B 26 -0.14 -9.18 14.86
CA TRP B 26 0.22 -8.51 16.10
C TRP B 26 1.75 -8.25 16.23
N LEU B 27 2.15 -7.02 15.93
CA LEU B 27 3.51 -6.62 16.04
C LEU B 27 3.79 -6.33 17.47
N THR B 28 5.01 -6.60 17.93
CA THR B 28 5.42 -6.32 19.29
C THR B 28 6.91 -6.07 19.26
N GLY B 29 7.38 -5.13 20.09
CA GLY B 29 8.77 -4.75 20.07
C GLY B 29 9.01 -3.42 20.72
N LEU B 30 10.26 -3.17 21.11
CA LEU B 30 10.69 -1.90 21.67
C LEU B 30 10.22 -0.68 20.90
N SER B 31 10.03 0.41 21.61
CA SER B 31 9.73 1.66 20.99
C SER B 31 10.89 2.00 20.06
N GLY B 32 10.60 2.30 18.79
CA GLY B 32 11.61 2.56 17.79
C GLY B 32 12.14 1.31 17.06
N ALA B 33 11.69 0.12 17.43
CA ALA B 33 12.20 -1.08 16.76
C ALA B 33 11.83 -1.17 15.30
N GLY B 34 10.59 -0.79 14.96
CA GLY B 34 10.11 -0.85 13.57
C GLY B 34 8.63 -1.18 13.38
N LYS B 35 7.82 -1.08 14.42
CA LYS B 35 6.42 -1.50 14.28
C LYS B 35 5.60 -0.62 13.27
N THR B 36 5.70 0.70 13.39
CA THR B 36 4.96 1.62 12.54
C THR B 36 5.36 1.46 11.09
N THR B 37 6.66 1.30 10.85
CA THR B 37 7.19 1.18 9.52
C THR B 37 6.82 -0.14 8.81
N ILE B 38 6.95 -1.26 9.52
CA ILE B 38 6.48 -2.55 9.04
C ILE B 38 4.97 -2.51 8.77
N SER B 39 4.21 -1.96 9.72
CA SER B 39 2.76 -1.89 9.60
C SER B 39 2.35 -1.20 8.32
N PHE B 40 2.83 0.05 8.15
CA PHE B 40 2.54 0.82 6.98
C PHE B 40 2.83 0.03 5.71
N ALA B 41 4.06 -0.46 5.59
CA ALA B 41 4.45 -1.17 4.37
C ALA B 41 3.53 -2.36 4.16
N LEU B 42 3.16 -3.07 5.25
CA LEU B 42 2.28 -4.25 5.14
C LEU B 42 0.84 -3.86 4.80
N GLU B 43 0.40 -2.76 5.40
CA GLU B 43 -0.87 -2.13 5.04
C GLU B 43 -0.88 -1.83 3.55
N GLU B 44 0.25 -1.32 3.04
CA GLU B 44 0.30 -0.95 1.65
C GLU B 44 0.42 -2.15 0.70
N TYR B 45 1.07 -3.21 1.16
CA TYR B 45 1.05 -4.46 0.42
C TYR B 45 -0.37 -5.03 0.28
N LEU B 46 -1.12 -5.02 1.37
CA LEU B 46 -2.44 -5.62 1.38
C LEU B 46 -3.39 -4.85 0.48
N VAL B 47 -3.34 -3.51 0.57
CA VAL B 47 -4.18 -2.64 -0.26
C VAL B 47 -3.91 -2.81 -1.75
N SER B 48 -2.64 -2.73 -2.14
CA SER B 48 -2.19 -3.00 -3.53
C SER B 48 -2.51 -4.39 -4.04
N HIS B 49 -2.97 -5.29 -3.18
CA HIS B 49 -3.41 -6.64 -3.60
C HIS B 49 -4.90 -6.79 -3.37
N ALA B 50 -5.60 -5.67 -3.18
CA ALA B 50 -7.06 -5.71 -3.06
C ALA B 50 -7.55 -6.54 -1.82
N ILE B 51 -6.68 -6.72 -0.82
CA ILE B 51 -7.11 -7.27 0.48
C ILE B 51 -7.33 -6.17 1.53
N PRO B 52 -8.60 -5.86 1.83
CA PRO B 52 -8.92 -4.84 2.85
C PRO B 52 -8.31 -5.14 4.23
N CYS B 53 -7.69 -4.14 4.83
CA CYS B 53 -7.04 -4.32 6.13
C CYS B 53 -7.26 -3.05 6.95
N TYR B 54 -6.98 -3.12 8.25
CA TYR B 54 -7.08 -1.93 9.05
C TYR B 54 -6.03 -1.90 10.13
N SER B 55 -5.42 -0.75 10.33
CA SER B 55 -4.36 -0.65 11.33
C SER B 55 -4.80 -0.04 12.66
N LEU B 56 -4.43 -0.69 13.75
CA LEU B 56 -4.69 -0.12 15.07
C LEU B 56 -3.34 0.30 15.63
N ASP B 57 -3.19 1.58 15.94
CA ASP B 57 -1.96 2.14 16.48
C ASP B 57 -2.28 3.17 17.59
N GLY B 58 -1.27 3.76 18.23
CA GLY B 58 -1.50 4.81 19.24
C GLY B 58 -2.44 5.90 18.77
N ASP B 59 -2.27 6.30 17.51
CA ASP B 59 -3.00 7.40 16.89
C ASP B 59 -4.51 7.24 16.86
N ASN B 60 -5.01 6.10 16.43
CA ASN B 60 -6.47 5.96 16.34
C ASN B 60 -7.10 5.28 17.55
N VAL B 61 -6.27 4.95 18.54
CA VAL B 61 -6.76 4.28 19.75
C VAL B 61 -6.58 5.11 21.00
N ARG B 62 -5.45 5.81 21.11
CA ARG B 62 -5.08 6.47 22.35
C ARG B 62 -5.95 7.66 22.70
N HIS B 63 -6.47 8.40 21.71
CA HIS B 63 -7.38 9.54 22.00
C HIS B 63 -8.83 9.23 21.61
N GLY B 64 -9.18 7.95 21.59
CA GLY B 64 -10.54 7.51 21.30
C GLY B 64 -10.98 6.44 22.28
N LEU B 65 -11.00 5.20 21.80
CA LEU B 65 -11.28 4.05 22.66
C LEU B 65 -10.55 4.10 23.98
N ASN B 66 -9.25 4.37 23.97
CA ASN B 66 -8.43 4.32 25.19
C ASN B 66 -8.00 5.69 25.75
N ARG B 67 -8.80 6.71 25.52
CA ARG B 67 -8.51 8.07 26.03
C ARG B 67 -8.55 8.16 27.55
N ASN B 68 -9.23 7.21 28.20
CA ASN B 68 -9.41 7.22 29.65
C ASN B 68 -8.40 6.32 30.38
N LEU B 69 -7.35 5.93 29.66
CA LEU B 69 -6.28 5.11 30.25
C LEU B 69 -4.93 5.82 30.36
N GLY B 70 -4.39 5.86 31.57
CA GLY B 70 -3.07 6.45 31.81
C GLY B 70 -1.97 5.41 31.64
N PHE B 71 -0.90 5.58 32.41
CA PHE B 71 0.26 4.73 32.25
C PHE B 71 0.52 3.84 33.48
N SER B 72 -0.35 3.93 34.49
CA SER B 72 -0.35 2.95 35.57
C SER B 72 -0.40 1.51 34.99
N PRO B 73 0.30 0.55 35.62
CA PRO B 73 0.29 -0.86 35.16
C PRO B 73 -1.08 -1.43 34.86
N GLY B 74 -2.09 -1.14 35.68
CA GLY B 74 -3.42 -1.67 35.46
C GLY B 74 -4.01 -1.11 34.18
N ASP B 75 -3.73 0.17 33.93
CA ASP B 75 -4.24 0.87 32.76
C ASP B 75 -3.60 0.30 31.50
N ARG B 76 -2.28 0.10 31.54
CA ARG B 76 -1.56 -0.54 30.44
C ARG B 76 -2.05 -1.99 30.14
N GLU B 77 -2.45 -2.72 31.18
CA GLU B 77 -3.07 -4.02 31.01
C GLU B 77 -4.40 -3.89 30.32
N GLU B 78 -5.18 -2.88 30.71
CA GLU B 78 -6.50 -2.66 30.14
C GLU B 78 -6.39 -2.10 28.70
N ASN B 79 -5.36 -1.29 28.46
CA ASN B 79 -5.08 -0.71 27.15
C ASN B 79 -5.00 -1.81 26.12
N ILE B 80 -4.20 -2.84 26.44
CA ILE B 80 -3.93 -3.94 25.53
C ILE B 80 -5.12 -4.90 25.44
N ARG B 81 -5.80 -5.10 26.57
CA ARG B 81 -7.01 -5.93 26.57
C ARG B 81 -8.01 -5.34 25.55
N ARG B 82 -8.28 -4.05 25.69
CA ARG B 82 -9.26 -3.43 24.78
C ARG B 82 -8.84 -3.57 23.33
N ILE B 83 -7.57 -3.31 23.06
CA ILE B 83 -7.02 -3.44 21.74
C ILE B 83 -7.16 -4.87 21.27
N ALA B 84 -6.91 -5.82 22.15
CA ALA B 84 -6.95 -7.21 21.73
C ALA B 84 -8.37 -7.52 21.29
N GLU B 85 -9.36 -7.09 22.08
CA GLU B 85 -10.76 -7.35 21.71
C GLU B 85 -11.19 -6.72 20.38
N VAL B 86 -10.70 -5.51 20.08
CA VAL B 86 -11.07 -4.79 18.87
C VAL B 86 -10.47 -5.50 17.66
N ALA B 87 -9.19 -5.88 17.77
CA ALA B 87 -8.54 -6.66 16.72
C ALA B 87 -9.40 -7.88 16.34
N LYS B 88 -9.93 -8.54 17.36
CA LYS B 88 -10.75 -9.73 17.14
C LYS B 88 -11.98 -9.34 16.38
N LEU B 89 -12.56 -8.21 16.75
CA LEU B 89 -13.78 -7.80 16.05
C LEU B 89 -13.41 -7.56 14.60
N PHE B 90 -12.24 -6.97 14.35
CA PHE B 90 -11.87 -6.70 12.96
C PHE B 90 -11.62 -7.99 12.20
N ALA B 91 -10.93 -8.95 12.82
CA ALA B 91 -10.68 -10.24 12.20
C ALA B 91 -12.02 -10.96 11.97
N ASP B 92 -12.93 -10.92 12.96
CA ASP B 92 -14.32 -11.43 12.80
C ASP B 92 -15.07 -10.76 11.62
N ALA B 93 -14.81 -9.46 11.43
CA ALA B 93 -15.41 -8.72 10.35
C ALA B 93 -14.81 -9.12 9.02
N GLY B 94 -13.76 -9.93 9.05
CA GLY B 94 -13.13 -10.34 7.81
C GLY B 94 -12.02 -9.46 7.27
N LEU B 95 -11.46 -8.56 8.07
CA LEU B 95 -10.34 -7.72 7.63
C LEU B 95 -9.04 -8.19 8.24
N VAL B 96 -7.94 -7.99 7.53
CA VAL B 96 -6.64 -8.18 8.14
C VAL B 96 -6.38 -7.01 9.06
N CYS B 97 -6.20 -7.29 10.35
CA CYS B 97 -6.00 -6.22 11.30
C CYS B 97 -4.56 -6.26 11.78
N ILE B 98 -3.89 -5.11 11.64
CA ILE B 98 -2.48 -4.94 12.01
C ILE B 98 -2.39 -4.05 13.23
N THR B 99 -1.76 -4.56 14.30
CA THR B 99 -1.55 -3.80 15.54
C THR B 99 -0.05 -3.50 15.75
N SER B 100 0.25 -2.32 16.27
CA SER B 100 1.63 -1.92 16.39
C SER B 100 1.94 -1.35 17.79
N PHE B 101 1.45 -2.00 18.83
CA PHE B 101 1.69 -1.55 20.19
C PHE B 101 2.88 -2.30 20.73
N ILE B 102 3.77 -1.57 21.41
CA ILE B 102 4.77 -2.23 22.23
C ILE B 102 3.84 -3.08 23.04
N SER B 103 3.94 -4.37 22.96
CA SER B 103 3.07 -5.08 23.88
C SER B 103 4.04 -5.87 24.70
N PRO B 104 4.61 -5.22 25.72
CA PRO B 104 5.80 -5.75 26.39
C PRO B 104 5.65 -7.07 27.18
N PHE B 105 4.45 -7.45 27.60
CA PHE B 105 4.34 -8.59 28.49
C PHE B 105 3.72 -9.80 27.80
N ALA B 106 4.37 -10.95 27.97
CA ALA B 106 3.93 -12.22 27.36
C ALA B 106 2.47 -12.46 27.65
N LYS B 107 2.12 -12.22 28.91
CA LYS B 107 0.78 -12.43 29.43
C LYS B 107 -0.27 -11.69 28.62
N ASP B 108 -0.09 -10.38 28.47
CA ASP B 108 -0.97 -9.60 27.64
C ASP B 108 -1.02 -10.12 26.20
N ARG B 109 0.13 -10.41 25.61
CA ARG B 109 0.18 -10.96 24.23
C ARG B 109 -0.52 -12.31 24.07
N GLU B 110 -0.38 -13.15 25.06
CA GLU B 110 -0.90 -14.47 24.95
C GLU B 110 -2.41 -14.46 25.25
N ASN B 111 -2.80 -13.62 26.19
CA ASN B 111 -4.18 -13.26 26.32
C ASN B 111 -4.87 -12.78 25.04
N ALA B 112 -4.14 -12.00 24.23
CA ALA B 112 -4.57 -11.52 22.93
C ALA B 112 -4.76 -12.66 21.95
N ARG B 113 -3.77 -13.54 21.82
CA ARG B 113 -3.91 -14.74 21.01
C ARG B 113 -5.13 -15.57 21.44
N LYS B 114 -5.24 -15.80 22.74
CA LYS B 114 -6.26 -16.70 23.30
C LYS B 114 -7.72 -16.36 22.91
N ILE B 115 -8.12 -15.10 23.11
CA ILE B 115 -9.41 -14.60 22.61
C ILE B 115 -9.59 -14.72 21.09
N HIS B 116 -8.50 -14.73 20.34
CA HIS B 116 -8.59 -15.08 18.93
C HIS B 116 -8.74 -16.59 18.70
N GLU B 117 -7.90 -17.40 19.31
CA GLU B 117 -7.98 -18.86 19.11
C GLU B 117 -9.37 -19.48 19.42
N SER B 118 -9.92 -19.14 20.60
CA SER B 118 -11.30 -19.45 20.99
C SER B 118 -12.32 -19.26 19.90
N ALA B 119 -12.11 -18.26 19.05
CA ALA B 119 -13.10 -17.90 18.04
C ALA B 119 -12.70 -18.37 16.66
N GLY B 120 -11.65 -19.20 16.55
CA GLY B 120 -11.13 -19.64 15.25
C GLY B 120 -10.55 -18.55 14.35
N LEU B 121 -9.97 -17.51 14.96
CA LEU B 121 -9.45 -16.36 14.21
C LEU B 121 -7.93 -16.38 14.23
N PRO B 122 -7.30 -16.51 13.06
CA PRO B 122 -5.84 -16.59 13.06
C PRO B 122 -5.22 -15.38 13.74
N PHE B 123 -4.18 -15.59 14.54
CA PHE B 123 -3.49 -14.52 15.23
C PHE B 123 -2.00 -14.78 15.00
N PHE B 124 -1.25 -13.75 14.62
CA PHE B 124 0.16 -13.95 14.33
C PHE B 124 0.96 -12.94 15.10
N GLU B 125 1.80 -13.46 15.97
CA GLU B 125 2.63 -12.64 16.79
C GLU B 125 3.89 -12.36 16.02
N ILE B 126 4.14 -11.11 15.65
CA ILE B 126 5.39 -10.78 14.94
C ILE B 126 6.34 -10.05 15.89
N PHE B 127 7.52 -10.63 16.07
CA PHE B 127 8.55 -10.01 16.94
C PHE B 127 9.49 -9.09 16.17
N VAL B 128 9.18 -7.78 16.26
CA VAL B 128 9.94 -6.69 15.63
C VAL B 128 11.08 -6.47 16.60
N ASP B 129 12.21 -7.02 16.25
CA ASP B 129 13.32 -7.14 17.17
C ASP B 129 14.54 -6.33 16.71
N ALA B 130 14.85 -5.29 17.47
CA ALA B 130 16.05 -4.52 17.27
C ALA B 130 16.58 -4.35 18.68
N PRO B 131 17.92 -4.19 18.81
CA PRO B 131 18.47 -3.96 20.16
C PRO B 131 18.14 -2.59 20.74
N LEU B 132 18.02 -2.55 22.07
CA LEU B 132 17.62 -1.32 22.78
C LEU B 132 18.50 -0.11 22.40
N ASN B 133 19.81 -0.32 22.32
CA ASN B 133 20.73 0.76 21.94
C ASN B 133 20.42 1.35 20.57
N ILE B 134 20.07 0.48 19.62
CA ILE B 134 19.65 0.93 18.28
C ILE B 134 18.31 1.69 18.31
N CYS B 135 17.36 1.17 19.08
CA CYS B 135 16.11 1.89 19.21
C CYS B 135 16.38 3.27 19.79
N GLU B 136 17.25 3.35 20.80
CA GLU B 136 17.57 4.62 21.44
C GLU B 136 18.33 5.60 20.55
N SER B 137 19.21 5.11 19.69
CA SER B 137 19.88 6.01 18.74
C SER B 137 18.87 6.50 17.73
N ARG B 138 17.94 5.63 17.35
CA ARG B 138 16.87 6.07 16.45
C ARG B 138 16.08 7.22 17.06
N ASP B 139 15.70 7.08 18.33
CA ASP B 139 14.81 8.02 19.02
C ASP B 139 13.84 8.78 18.11
N VAL B 140 13.11 8.01 17.31
CA VAL B 140 12.07 8.45 16.37
C VAL B 140 11.15 9.65 16.79
N LYS B 141 10.57 9.62 17.97
CA LYS B 141 9.66 10.69 18.40
C LYS B 141 10.25 11.42 19.60
N GLY B 142 11.55 11.18 19.87
CA GLY B 142 12.24 11.80 21.01
C GLY B 142 11.81 11.27 22.38
N LEU B 143 11.16 10.10 22.40
CA LEU B 143 10.70 9.51 23.65
C LEU B 143 11.86 9.07 24.56
N TYR B 144 12.94 8.53 24.00
CA TYR B 144 14.00 8.02 24.87
C TYR B 144 14.61 9.14 25.71
N LYS B 145 15.14 10.17 25.06
CA LYS B 145 15.79 11.22 25.82
C LYS B 145 14.83 11.88 26.85
N ARG B 146 13.54 11.89 26.55
CA ARG B 146 12.50 12.32 27.49
C ARG B 146 12.32 11.35 28.67
N ALA B 147 12.42 10.05 28.39
CA ALA B 147 12.29 9.03 29.44
C ALA B 147 13.50 9.03 30.35
N ARG B 148 14.68 9.15 29.74
CA ARG B 148 15.97 9.30 30.42
C ARG B 148 16.01 10.52 31.32
N ALA B 149 15.35 11.60 30.87
CA ALA B 149 15.24 12.87 31.58
C ALA B 149 14.16 12.93 32.68
N GLY B 150 13.56 11.79 33.04
CA GLY B 150 12.54 11.75 34.08
C GLY B 150 11.12 12.19 33.71
N GLU B 151 10.93 12.71 32.48
CA GLU B 151 9.59 13.20 32.06
C GLU B 151 8.54 12.12 31.83
N ILE B 152 8.92 10.99 31.24
CA ILE B 152 8.02 9.82 31.16
C ILE B 152 8.55 8.72 32.06
N LYS B 153 7.70 8.21 32.96
CA LYS B 153 8.13 7.12 33.87
C LYS B 153 7.60 5.79 33.37
N GLY B 154 8.28 4.71 33.75
CA GLY B 154 7.80 3.39 33.41
C GLY B 154 7.99 3.03 31.95
N PHE B 155 8.87 3.76 31.28
CA PHE B 155 9.10 3.56 29.87
C PHE B 155 9.78 2.22 29.58
N THR B 156 9.13 1.43 28.75
CA THR B 156 9.61 0.09 28.46
C THR B 156 10.99 0.12 27.79
N GLY B 157 11.87 -0.77 28.26
CA GLY B 157 13.28 -0.73 27.89
C GLY B 157 14.13 0.12 28.83
N ILE B 158 13.50 1.04 29.56
CA ILE B 158 14.25 1.93 30.42
C ILE B 158 13.95 1.70 31.89
N ASP B 159 12.74 2.03 32.34
CA ASP B 159 12.41 1.69 33.72
C ASP B 159 11.19 0.78 33.88
N SER B 160 11.02 -0.10 32.90
CA SER B 160 10.10 -1.25 32.94
C SER B 160 10.49 -2.26 31.86
N ASP B 161 10.07 -3.50 32.03
CA ASP B 161 10.62 -4.60 31.23
C ASP B 161 9.99 -4.77 29.89
N TYR B 162 10.79 -5.25 28.94
CA TYR B 162 10.22 -5.77 27.73
C TYR B 162 10.52 -7.25 27.74
N GLU B 163 9.48 -8.06 27.60
CA GLU B 163 9.64 -9.51 27.63
C GLU B 163 9.64 -9.99 26.20
N LYS B 164 10.78 -10.49 25.74
CA LYS B 164 10.88 -11.07 24.40
C LYS B 164 9.91 -12.22 24.20
N PRO B 165 9.17 -12.23 23.07
CA PRO B 165 8.35 -13.38 22.75
C PRO B 165 9.14 -14.71 22.69
N GLU B 166 8.64 -15.72 23.41
CA GLU B 166 9.15 -17.10 23.34
C GLU B 166 9.02 -17.71 21.97
N THR B 167 7.82 -17.67 21.40
CA THR B 167 7.52 -18.49 20.23
C THR B 167 6.79 -17.73 19.15
N PRO B 168 7.28 -16.54 18.77
CA PRO B 168 6.51 -15.74 17.83
C PRO B 168 6.57 -16.35 16.45
N GLU B 169 5.60 -16.07 15.58
CA GLU B 169 5.52 -16.69 14.24
C GLU B 169 6.59 -16.19 13.27
N ARG B 170 7.04 -14.95 13.43
CA ARG B 170 8.21 -14.45 12.69
C ARG B 170 9.04 -13.57 13.61
N VAL B 171 10.35 -13.54 13.38
CA VAL B 171 11.27 -12.58 14.04
C VAL B 171 11.84 -11.66 12.97
N LEU B 172 11.73 -10.36 13.18
CA LEU B 172 12.21 -9.40 12.19
C LEU B 172 13.31 -8.64 12.82
N LYS B 173 14.49 -8.85 12.25
CA LYS B 173 15.72 -8.24 12.73
C LYS B 173 15.89 -6.92 12.01
N THR B 174 15.33 -5.87 12.60
CA THR B 174 15.21 -4.57 11.96
C THR B 174 16.52 -3.73 11.97
N ASN B 175 17.55 -4.26 12.64
CA ASN B 175 18.90 -3.67 12.56
C ASN B 175 19.80 -4.41 11.55
N LEU B 176 19.28 -5.51 10.99
CA LEU B 176 20.09 -6.41 10.15
C LEU B 176 19.52 -6.62 8.75
N SER B 177 18.36 -6.06 8.45
CA SER B 177 17.80 -6.20 7.12
C SER B 177 16.91 -5.02 6.78
N THR B 178 16.44 -4.96 5.52
CA THR B 178 15.56 -3.89 5.12
C THR B 178 14.08 -4.08 5.48
N VAL B 179 13.39 -2.94 5.63
CA VAL B 179 11.93 -2.88 5.68
C VAL B 179 11.35 -3.90 4.69
N SER B 180 11.72 -3.78 3.41
CA SER B 180 11.16 -4.65 2.38
C SER B 180 11.34 -6.16 2.65
N ASP B 181 12.53 -6.57 3.09
CA ASP B 181 12.80 -7.95 3.49
C ASP B 181 12.03 -8.37 4.73
N CYS B 182 11.93 -7.47 5.70
CA CYS B 182 11.10 -7.72 6.88
C CYS B 182 9.60 -7.95 6.57
N VAL B 183 9.05 -7.11 5.70
CA VAL B 183 7.65 -7.21 5.37
C VAL B 183 7.47 -8.54 4.70
N HIS B 184 8.50 -8.95 3.98
CA HIS B 184 8.39 -10.13 3.20
C HIS B 184 8.23 -11.40 4.08
N GLN B 185 8.94 -11.46 5.21
CA GLN B 185 8.76 -12.55 6.15
C GLN B 185 7.30 -12.59 6.61
N VAL B 186 6.67 -11.42 6.75
CA VAL B 186 5.30 -11.40 7.21
C VAL B 186 4.39 -11.88 6.11
N VAL B 187 4.56 -11.33 4.90
CA VAL B 187 3.74 -11.67 3.71
C VAL B 187 3.80 -13.17 3.39
N GLU B 188 5.02 -13.73 3.44
CA GLU B 188 5.24 -15.19 3.32
C GLU B 188 4.38 -15.94 4.35
N LEU B 189 4.46 -15.51 5.61
CA LEU B 189 3.61 -16.11 6.62
C LEU B 189 2.14 -16.08 6.18
N LEU B 190 1.66 -14.91 5.75
CA LEU B 190 0.28 -14.73 5.35
C LEU B 190 -0.12 -15.63 4.16
N GLN B 191 0.84 -15.88 3.27
CA GLN B 191 0.58 -16.73 2.11
C GLN B 191 0.56 -18.19 2.53
N GLU B 192 1.57 -18.60 3.32
CA GLU B 192 1.62 -19.94 3.93
C GLU B 192 0.30 -20.29 4.61
N GLN B 193 -0.30 -19.30 5.28
CA GLN B 193 -1.48 -19.48 6.11
C GLN B 193 -2.80 -19.14 5.38
N ASN B 194 -2.77 -19.00 4.06
CA ASN B 194 -4.00 -18.79 3.28
C ASN B 194 -4.81 -17.50 3.50
N ILE B 195 -4.13 -16.48 3.99
CA ILE B 195 -4.73 -15.18 4.14
C ILE B 195 -4.41 -14.36 2.89
N VAL B 196 -3.22 -14.56 2.35
CA VAL B 196 -2.79 -13.81 1.17
C VAL B 196 -2.40 -14.79 0.10
N PRO B 197 -2.82 -14.54 -1.15
CA PRO B 197 -2.55 -15.55 -2.20
C PRO B 197 -1.12 -15.45 -2.69
N TYR B 198 -0.54 -16.53 -3.22
CA TYR B 198 0.84 -16.53 -3.76
C TYR B 198 1.02 -15.73 -5.09
N GLN C 1 -0.97 -9.74 -10.74
CA GLN C 1 -1.10 -11.13 -11.24
C GLN C 1 0.15 -11.61 -11.93
N ALA C 2 0.89 -10.71 -12.59
CA ALA C 2 2.02 -11.19 -13.42
C ALA C 2 3.11 -11.85 -12.56
N HIS C 3 3.39 -13.10 -12.88
CA HIS C 3 4.26 -13.96 -12.11
C HIS C 3 5.70 -13.57 -12.31
N HIS C 4 6.42 -13.17 -11.28
CA HIS C 4 7.84 -12.83 -11.43
C HIS C 4 8.70 -13.34 -10.27
N VAL C 5 10.00 -13.41 -10.47
CA VAL C 5 10.88 -13.65 -9.32
C VAL C 5 10.59 -12.57 -8.29
N SER C 6 10.54 -12.98 -7.03
CA SER C 6 10.23 -12.07 -5.94
C SER C 6 11.37 -11.06 -5.65
N ARG C 7 10.99 -9.97 -4.98
CA ARG C 7 11.91 -8.94 -4.50
C ARG C 7 13.02 -9.58 -3.63
N ASN C 8 12.63 -10.45 -2.71
CA ASN C 8 13.55 -11.16 -1.84
C ASN C 8 14.56 -12.03 -2.63
N LYS C 9 14.08 -12.65 -3.70
CA LYS C 9 14.96 -13.36 -4.60
C LYS C 9 15.88 -12.43 -5.37
N ARG C 10 15.34 -11.33 -5.90
CA ARG C 10 16.20 -10.29 -6.54
C ARG C 10 17.32 -9.84 -5.61
N GLY C 11 17.03 -9.72 -4.32
CA GLY C 11 18.04 -9.42 -3.30
C GLY C 11 19.28 -10.33 -3.29
N GLN C 12 19.13 -11.59 -3.70
CA GLN C 12 20.27 -12.53 -3.78
C GLN C 12 21.29 -12.13 -4.86
N VAL C 13 20.81 -11.79 -6.03
CA VAL C 13 21.69 -11.69 -7.19
C VAL C 13 22.22 -10.28 -7.44
N VAL C 14 21.42 -9.27 -7.11
CA VAL C 14 21.78 -7.86 -7.31
C VAL C 14 22.86 -7.48 -6.31
N GLY C 15 24.02 -7.04 -6.79
CA GLY C 15 25.09 -6.60 -5.91
C GLY C 15 25.70 -7.72 -5.07
N THR C 16 26.75 -7.44 -4.35
CA THR C 16 27.41 -8.52 -3.64
C THR C 16 26.76 -8.74 -2.28
N ARG C 17 26.65 -7.66 -1.51
CA ARG C 17 25.78 -7.64 -0.34
C ARG C 17 24.37 -8.22 -0.66
N GLY C 18 23.91 -9.18 0.15
CA GLY C 18 22.60 -9.79 -0.03
C GLY C 18 21.51 -9.01 0.71
N GLY C 19 20.26 -9.21 0.31
CA GLY C 19 19.17 -8.47 0.89
C GLY C 19 18.63 -7.50 -0.14
N PHE C 20 17.34 -7.23 -0.06
CA PHE C 20 16.71 -6.35 -1.03
C PHE C 20 16.97 -4.88 -0.65
N ARG C 21 17.70 -4.18 -1.50
CA ARG C 21 17.98 -2.78 -1.16
C ARG C 21 17.46 -1.74 -2.17
N GLY C 22 16.54 -2.15 -3.04
CA GLY C 22 15.91 -1.21 -3.96
C GLY C 22 15.29 -0.05 -3.20
N CYS C 23 15.49 1.17 -3.69
CA CYS C 23 14.83 2.38 -3.18
C CYS C 23 15.06 3.56 -4.14
N THR C 24 14.41 4.68 -3.82
CA THR C 24 14.62 5.90 -4.56
C THR C 24 15.03 7.05 -3.66
N VAL C 25 16.17 7.65 -3.97
CA VAL C 25 16.65 8.86 -3.32
C VAL C 25 16.22 10.04 -4.20
N TRP C 26 15.34 10.88 -3.71
CA TRP C 26 14.71 11.88 -4.59
C TRP C 26 15.16 13.34 -4.24
N LEU C 27 16.09 13.86 -5.03
CA LEU C 27 16.68 15.18 -4.79
C LEU C 27 15.73 16.23 -5.34
N THR C 28 15.44 17.22 -4.52
CA THR C 28 14.63 18.36 -4.96
C THR C 28 15.32 19.63 -4.48
N GLY C 29 15.13 20.71 -5.23
CA GLY C 29 15.76 21.99 -4.93
C GLY C 29 15.97 22.87 -6.14
N LEU C 30 16.23 24.16 -5.90
CA LEU C 30 16.36 25.14 -6.97
C LEU C 30 17.42 24.72 -8.01
N SER C 31 17.35 25.31 -9.20
CA SER C 31 18.41 25.20 -10.18
C SER C 31 19.74 25.78 -9.62
N GLY C 32 20.82 25.01 -9.70
CA GLY C 32 22.09 25.47 -9.16
C GLY C 32 22.30 25.14 -7.68
N ALA C 33 21.24 24.69 -6.99
CA ALA C 33 21.35 24.29 -5.57
C ALA C 33 22.33 23.14 -5.28
N GLY C 34 22.55 22.25 -6.25
CA GLY C 34 23.54 21.19 -6.13
C GLY C 34 23.04 19.75 -6.27
N LYS C 35 21.94 19.55 -6.99
CA LYS C 35 21.41 18.18 -7.24
C LYS C 35 22.32 17.29 -8.12
N THR C 36 22.71 17.77 -9.29
CA THR C 36 23.68 17.03 -10.13
C THR C 36 24.94 16.60 -9.36
N THR C 37 25.55 17.56 -8.65
CA THR C 37 26.77 17.35 -7.91
C THR C 37 26.58 16.28 -6.80
N ILE C 38 25.54 16.44 -5.97
CA ILE C 38 25.28 15.55 -4.84
C ILE C 38 24.96 14.13 -5.34
N SER C 39 24.26 14.07 -6.47
CA SER C 39 23.94 12.80 -7.13
C SER C 39 25.21 12.09 -7.60
N PHE C 40 26.13 12.83 -8.22
CA PHE C 40 27.38 12.28 -8.74
C PHE C 40 28.21 11.72 -7.59
N ALA C 41 28.41 12.54 -6.55
CA ALA C 41 29.20 12.08 -5.45
C ALA C 41 28.54 10.87 -4.79
N LEU C 42 27.20 10.89 -4.63
CA LEU C 42 26.47 9.72 -4.11
C LEU C 42 26.62 8.45 -4.95
N GLU C 43 26.38 8.61 -6.26
CA GLU C 43 26.66 7.56 -7.25
C GLU C 43 28.08 7.00 -7.10
N GLU C 44 29.09 7.85 -6.91
CA GLU C 44 30.47 7.38 -6.68
C GLU C 44 30.62 6.60 -5.40
N TYR C 45 30.03 7.10 -4.31
CA TYR C 45 30.13 6.44 -3.03
C TYR C 45 29.49 5.08 -3.17
N LEU C 46 28.39 4.99 -3.90
CA LEU C 46 27.65 3.73 -4.03
C LEU C 46 28.41 2.71 -4.83
N VAL C 47 28.94 3.15 -5.97
CA VAL C 47 29.72 2.26 -6.85
C VAL C 47 30.97 1.73 -6.13
N SER C 48 31.69 2.62 -5.42
CA SER C 48 32.87 2.19 -4.61
C SER C 48 32.48 1.24 -3.50
N HIS C 49 31.21 1.24 -3.10
CA HIS C 49 30.79 0.35 -2.02
C HIS C 49 30.04 -0.87 -2.51
N ALA C 50 30.14 -1.09 -3.82
CA ALA C 50 29.57 -2.27 -4.47
C ALA C 50 28.05 -2.34 -4.27
N ILE C 51 27.43 -1.18 -4.21
CA ILE C 51 25.95 -1.09 -4.22
C ILE C 51 25.41 -0.51 -5.52
N PRO C 52 24.86 -1.38 -6.41
CA PRO C 52 24.37 -1.09 -7.76
C PRO C 52 23.30 -0.03 -7.71
N CYS C 53 23.43 1.01 -8.52
CA CYS C 53 22.56 2.14 -8.44
C CYS C 53 22.44 2.75 -9.82
N TYR C 54 21.49 3.68 -10.00
CA TYR C 54 21.27 4.28 -11.30
C TYR C 54 20.61 5.63 -11.16
N SER C 55 21.15 6.60 -11.88
CA SER C 55 20.80 7.97 -11.69
C SER C 55 19.87 8.41 -12.81
N LEU C 56 18.79 9.10 -12.47
CA LEU C 56 17.90 9.67 -13.47
C LEU C 56 18.06 11.15 -13.35
N ASP C 57 18.29 11.80 -14.50
CA ASP C 57 18.53 13.25 -14.58
C ASP C 57 18.13 13.73 -15.96
N GLY C 58 18.35 15.04 -16.24
CA GLY C 58 18.07 15.63 -17.55
C GLY C 58 18.73 14.91 -18.71
N ASP C 59 19.99 14.52 -18.55
CA ASP C 59 20.75 13.85 -19.59
C ASP C 59 20.19 12.51 -20.09
N ASN C 60 19.68 11.65 -19.23
CA ASN C 60 19.14 10.41 -19.75
C ASN C 60 17.64 10.41 -19.91
N VAL C 61 16.97 11.44 -19.39
CA VAL C 61 15.51 11.43 -19.45
C VAL C 61 14.98 12.38 -20.52
N ARG C 62 15.53 13.59 -20.59
CA ARG C 62 14.85 14.69 -21.27
C ARG C 62 14.90 14.59 -22.79
N HIS C 63 15.90 13.92 -23.33
CA HIS C 63 15.98 13.75 -24.79
C HIS C 63 15.73 12.27 -25.16
N GLY C 64 15.04 11.55 -24.28
CA GLY C 64 14.69 10.14 -24.49
C GLY C 64 13.25 9.97 -24.09
N LEU C 65 13.02 9.31 -22.95
CA LEU C 65 11.68 9.15 -22.43
C LEU C 65 10.80 10.42 -22.51
N ASN C 66 11.33 11.56 -22.11
CA ASN C 66 10.50 12.75 -21.99
C ASN C 66 10.78 13.75 -23.10
N ARG C 67 11.31 13.27 -24.21
CA ARG C 67 11.69 14.18 -25.29
C ARG C 67 10.48 14.85 -25.94
N ASN C 68 9.30 14.26 -25.81
CA ASN C 68 8.15 14.86 -26.42
C ASN C 68 7.44 15.81 -25.45
N LEU C 69 8.18 16.26 -24.42
CA LEU C 69 7.61 17.15 -23.42
C LEU C 69 8.27 18.53 -23.37
N GLY C 70 7.45 19.58 -23.27
CA GLY C 70 7.94 20.95 -23.07
C GLY C 70 7.70 21.56 -21.68
N PHE C 71 7.34 22.84 -21.66
CA PHE C 71 7.31 23.54 -20.39
C PHE C 71 5.94 24.07 -19.97
N SER C 72 4.86 23.64 -20.64
CA SER C 72 3.55 23.89 -20.09
C SER C 72 3.43 23.32 -18.66
N PRO C 73 2.52 23.89 -17.85
CA PRO C 73 2.37 23.32 -16.51
C PRO C 73 2.00 21.85 -16.62
N GLY C 74 1.06 21.51 -17.50
CA GLY C 74 0.64 20.12 -17.72
C GLY C 74 1.77 19.16 -18.10
N ASP C 75 2.73 19.71 -18.86
CA ASP C 75 3.87 18.94 -19.32
C ASP C 75 5.00 18.83 -18.28
N ARG C 76 5.21 19.88 -17.47
CA ARG C 76 6.18 19.76 -16.39
C ARG C 76 5.72 18.69 -15.42
N GLU C 77 4.42 18.55 -15.32
CA GLU C 77 3.77 17.62 -14.41
C GLU C 77 3.86 16.19 -14.97
N GLU C 78 3.59 16.04 -16.25
CA GLU C 78 3.77 14.77 -16.96
C GLU C 78 5.23 14.31 -16.96
N ASN C 79 6.14 15.28 -17.06
CA ASN C 79 7.56 15.04 -16.95
C ASN C 79 7.88 14.33 -15.65
N ILE C 80 7.44 14.88 -14.54
CA ILE C 80 7.80 14.34 -13.23
C ILE C 80 7.06 13.04 -12.96
N ARG C 81 5.87 12.90 -13.50
CA ARG C 81 5.08 11.69 -13.30
C ARG C 81 5.80 10.48 -13.89
N ARG C 82 6.21 10.59 -15.15
CA ARG C 82 7.00 9.59 -15.85
C ARG C 82 8.28 9.23 -15.12
N ILE C 83 9.03 10.27 -14.71
CA ILE C 83 10.22 10.07 -13.90
C ILE C 83 9.94 9.28 -12.63
N ALA C 84 8.84 9.61 -11.96
CA ALA C 84 8.49 8.87 -10.76
C ALA C 84 8.26 7.38 -11.06
N GLU C 85 7.52 7.09 -12.13
CA GLU C 85 7.23 5.70 -12.45
C GLU C 85 8.49 4.90 -12.76
N VAL C 86 9.40 5.46 -13.57
CA VAL C 86 10.66 4.77 -13.92
C VAL C 86 11.55 4.55 -12.70
N ALA C 87 11.68 5.58 -11.88
CA ALA C 87 12.35 5.43 -10.57
C ALA C 87 11.83 4.18 -9.84
N LYS C 88 10.50 4.10 -9.74
CA LYS C 88 9.87 2.97 -9.08
C LYS C 88 10.23 1.62 -9.75
N LEU C 89 10.27 1.59 -11.09
CA LEU C 89 10.78 0.40 -11.78
C LEU C 89 12.22 0.12 -11.34
N PHE C 90 13.05 1.14 -11.29
CA PHE C 90 14.42 0.96 -10.76
C PHE C 90 14.43 0.46 -9.29
N ALA C 91 13.75 1.13 -8.36
CA ALA C 91 13.68 0.60 -6.96
C ALA C 91 13.27 -0.88 -6.94
N ASP C 92 12.27 -1.23 -7.72
CA ASP C 92 11.68 -2.57 -7.68
C ASP C 92 12.63 -3.64 -8.30
N ALA C 93 13.49 -3.22 -9.21
CA ALA C 93 14.54 -4.13 -9.71
C ALA C 93 15.66 -4.31 -8.70
N GLY C 94 15.66 -3.50 -7.64
CA GLY C 94 16.63 -3.70 -6.57
C GLY C 94 17.79 -2.75 -6.63
N LEU C 95 17.66 -1.72 -7.47
CA LEU C 95 18.71 -0.73 -7.62
C LEU C 95 18.44 0.44 -6.71
N VAL C 96 19.49 1.15 -6.29
CA VAL C 96 19.32 2.42 -5.57
C VAL C 96 19.16 3.49 -6.64
N CYS C 97 17.96 4.07 -6.74
CA CYS C 97 17.65 5.03 -7.84
C CYS C 97 17.70 6.48 -7.36
N ILE C 98 18.55 7.29 -8.02
CA ILE C 98 18.78 8.69 -7.66
C ILE C 98 18.19 9.61 -8.70
N THR C 99 17.25 10.46 -8.31
CA THR C 99 16.64 11.38 -9.26
C THR C 99 17.11 12.80 -8.96
N SER C 100 17.37 13.61 -9.98
CA SER C 100 17.85 14.96 -9.75
C SER C 100 17.07 16.03 -10.52
N PHE C 101 15.78 16.09 -10.27
CA PHE C 101 14.99 17.14 -10.92
C PHE C 101 14.60 18.28 -9.95
N ILE C 102 14.63 19.55 -10.41
CA ILE C 102 13.97 20.60 -9.65
C ILE C 102 12.62 19.97 -9.62
N SER C 103 12.16 19.54 -8.46
CA SER C 103 10.79 19.02 -8.51
C SER C 103 10.06 19.98 -7.63
N PRO C 104 9.67 21.14 -8.20
CA PRO C 104 9.24 22.31 -7.41
C PRO C 104 7.99 22.19 -6.57
N PHE C 105 7.03 21.37 -6.98
CA PHE C 105 5.71 21.42 -6.34
C PHE C 105 5.46 20.22 -5.45
N ALA C 106 5.08 20.50 -4.21
CA ALA C 106 4.73 19.48 -3.24
C ALA C 106 3.87 18.40 -3.88
N LYS C 107 2.93 18.85 -4.71
CA LYS C 107 1.93 17.99 -5.30
C LYS C 107 2.56 16.84 -6.06
N ASP C 108 3.49 17.21 -6.94
CA ASP C 108 4.26 16.28 -7.74
C ASP C 108 5.18 15.36 -6.89
N ARG C 109 5.82 15.93 -5.87
CA ARG C 109 6.75 15.18 -5.04
C ARG C 109 5.96 14.12 -4.27
N GLU C 110 4.82 14.54 -3.73
CA GLU C 110 4.03 13.70 -2.88
C GLU C 110 3.46 12.57 -3.73
N ASN C 111 3.14 12.91 -4.97
CA ASN C 111 2.69 11.88 -5.86
C ASN C 111 3.78 10.85 -6.21
N ALA C 112 5.01 11.33 -6.42
CA ALA C 112 6.16 10.45 -6.54
C ALA C 112 6.25 9.52 -5.34
N ARG C 113 6.18 10.11 -4.14
CA ARG C 113 6.23 9.34 -2.90
C ARG C 113 5.10 8.32 -2.86
N LYS C 114 3.91 8.71 -3.28
CA LYS C 114 2.77 7.84 -3.20
C LYS C 114 2.91 6.55 -4.04
N ILE C 115 3.44 6.66 -5.27
CA ILE C 115 3.61 5.43 -6.08
C ILE C 115 4.67 4.47 -5.54
N HIS C 116 5.73 5.01 -4.96
CA HIS C 116 6.69 4.18 -4.26
C HIS C 116 6.09 3.47 -3.04
N GLU C 117 5.41 4.23 -2.20
CA GLU C 117 4.77 3.67 -0.99
C GLU C 117 3.73 2.60 -1.34
N SER C 118 2.85 2.93 -2.28
CA SER C 118 1.96 1.97 -2.88
C SER C 118 2.64 0.64 -3.22
N ALA C 119 3.83 0.73 -3.81
CA ALA C 119 4.53 -0.48 -4.25
C ALA C 119 5.39 -1.10 -3.13
N GLY C 120 5.39 -0.49 -1.94
CA GLY C 120 6.22 -0.99 -0.85
C GLY C 120 7.70 -0.65 -0.95
N LEU C 121 8.07 0.36 -1.75
CA LEU C 121 9.46 0.76 -1.91
C LEU C 121 9.85 1.98 -1.07
N PRO C 122 11.07 1.98 -0.47
CA PRO C 122 11.40 3.21 0.24
C PRO C 122 11.60 4.37 -0.74
N PHE C 123 11.28 5.57 -0.25
CA PHE C 123 11.37 6.83 -0.97
C PHE C 123 11.96 7.86 0.02
N PHE C 124 13.11 8.43 -0.31
CA PHE C 124 13.71 9.43 0.53
C PHE C 124 13.72 10.76 -0.21
N GLU C 125 13.06 11.75 0.38
CA GLU C 125 12.98 13.07 -0.21
C GLU C 125 14.12 13.88 0.38
N ILE C 126 14.93 14.48 -0.49
CA ILE C 126 16.13 15.16 -0.05
C ILE C 126 16.07 16.58 -0.53
N PHE C 127 15.85 17.51 0.40
CA PHE C 127 15.82 18.92 0.05
C PHE C 127 17.25 19.43 -0.08
N VAL C 128 17.69 19.62 -1.32
CA VAL C 128 18.98 20.25 -1.61
C VAL C 128 18.75 21.76 -1.53
N ASP C 129 19.23 22.35 -0.43
CA ASP C 129 18.78 23.67 -0.01
C ASP C 129 19.89 24.73 -0.07
N ALA C 130 19.78 25.62 -1.05
CA ALA C 130 20.63 26.81 -1.10
C ALA C 130 19.73 28.00 -1.37
N PRO C 131 20.01 29.15 -0.75
CA PRO C 131 19.14 30.29 -1.08
C PRO C 131 19.22 30.71 -2.56
N LEU C 132 18.11 31.25 -3.07
CA LEU C 132 18.00 31.70 -4.46
C LEU C 132 19.20 32.55 -4.91
N ASN C 133 19.49 33.61 -4.16
CA ASN C 133 20.54 34.55 -4.56
C ASN C 133 21.90 33.86 -4.75
N ILE C 134 22.11 32.74 -4.05
CA ILE C 134 23.34 31.93 -4.14
C ILE C 134 23.32 31.05 -5.40
N CYS C 135 22.16 30.48 -5.70
CA CYS C 135 22.02 29.66 -6.87
C CYS C 135 22.19 30.52 -8.11
N GLU C 136 21.69 31.76 -8.02
CA GLU C 136 21.72 32.70 -9.13
C GLU C 136 23.13 33.21 -9.46
N SER C 137 23.96 33.44 -8.43
CA SER C 137 25.38 33.76 -8.63
C SER C 137 26.13 32.62 -9.26
N ARG C 138 25.77 31.39 -8.88
CA ARG C 138 26.39 30.21 -9.47
C ARG C 138 26.06 30.19 -10.95
N ASP C 139 24.82 30.57 -11.28
CA ASP C 139 24.23 30.42 -12.62
C ASP C 139 25.02 29.39 -13.41
N VAL C 140 25.03 28.15 -12.94
CA VAL C 140 25.95 27.12 -13.45
C VAL C 140 25.88 27.00 -14.99
N LYS C 141 24.67 27.05 -15.56
CA LYS C 141 24.47 26.87 -17.02
C LYS C 141 23.95 28.15 -17.71
N GLY C 142 23.86 29.24 -16.97
CA GLY C 142 23.43 30.51 -17.56
C GLY C 142 21.92 30.62 -17.70
N LEU C 143 21.20 29.72 -17.03
CA LEU C 143 19.75 29.77 -17.07
C LEU C 143 19.17 31.01 -16.35
N TYR C 144 19.73 31.38 -15.20
CA TYR C 144 19.19 32.54 -14.48
C TYR C 144 19.21 33.81 -15.34
N LYS C 145 20.31 34.01 -16.04
CA LYS C 145 20.48 35.22 -16.83
C LYS C 145 19.54 35.20 -18.06
N ARG C 146 19.37 34.03 -18.67
CA ARG C 146 18.34 33.87 -19.70
C ARG C 146 16.94 34.15 -19.15
N ALA C 147 16.66 33.67 -17.92
CA ALA C 147 15.33 33.89 -17.31
C ALA C 147 15.04 35.37 -16.97
N ARG C 148 16.03 36.09 -16.45
CA ARG C 148 15.88 37.52 -16.16
C ARG C 148 15.65 38.33 -17.46
N ALA C 149 16.20 37.85 -18.56
CA ALA C 149 16.06 38.50 -19.85
C ALA C 149 14.76 38.14 -20.55
N GLY C 150 13.98 37.20 -20.01
CA GLY C 150 12.70 36.85 -20.64
C GLY C 150 12.77 35.79 -21.72
N GLU C 151 13.98 35.28 -21.99
CA GLU C 151 14.20 34.21 -22.97
C GLU C 151 13.64 32.87 -22.54
N ILE C 152 13.52 32.63 -21.23
CA ILE C 152 12.82 31.47 -20.68
C ILE C 152 11.82 32.03 -19.71
N LYS C 153 10.58 31.51 -19.75
CA LYS C 153 9.58 31.90 -18.77
C LYS C 153 9.21 30.70 -17.97
N GLY C 154 8.47 30.91 -16.87
CA GLY C 154 8.08 29.83 -15.97
C GLY C 154 9.23 29.28 -15.13
N PHE C 155 10.35 29.98 -15.09
CA PHE C 155 11.53 29.43 -14.48
C PHE C 155 11.45 29.50 -12.95
N THR C 156 11.58 28.35 -12.32
CA THR C 156 11.38 28.25 -10.88
C THR C 156 12.38 29.11 -10.06
N GLY C 157 11.83 29.86 -9.10
CA GLY C 157 12.58 30.88 -8.38
C GLY C 157 12.53 32.30 -8.96
N ILE C 158 12.18 32.39 -10.25
CA ILE C 158 12.03 33.68 -10.94
C ILE C 158 10.55 34.01 -11.20
N ASP C 159 9.93 33.38 -12.19
CA ASP C 159 8.48 33.54 -12.33
C ASP C 159 7.67 32.25 -12.12
N SER C 160 8.16 31.37 -11.27
CA SER C 160 7.30 30.37 -10.62
C SER C 160 7.90 29.86 -9.33
N ASP C 161 7.04 29.31 -8.48
CA ASP C 161 7.37 28.98 -7.07
C ASP C 161 8.22 27.75 -6.90
N TYR C 162 9.15 27.82 -5.96
CA TYR C 162 9.71 26.60 -5.38
C TYR C 162 9.04 26.39 -4.04
N GLU C 163 8.32 25.28 -3.91
CA GLU C 163 7.62 24.95 -2.66
C GLU C 163 8.49 24.07 -1.75
N LYS C 164 9.13 24.69 -0.74
CA LYS C 164 10.01 23.96 0.18
C LYS C 164 9.34 22.68 0.69
N PRO C 165 10.07 21.55 0.63
CA PRO C 165 9.60 20.29 1.18
C PRO C 165 9.32 20.48 2.66
N GLU C 166 8.17 19.98 3.11
CA GLU C 166 7.71 20.19 4.48
C GLU C 166 8.40 19.23 5.46
N THR C 167 8.39 17.94 5.11
CA THR C 167 8.94 16.88 5.95
C THR C 167 10.02 16.02 5.23
N PRO C 168 11.04 16.64 4.58
CA PRO C 168 12.01 15.82 3.87
C PRO C 168 12.83 14.93 4.82
N GLU C 169 13.36 13.82 4.34
CA GLU C 169 14.13 12.96 5.22
C GLU C 169 15.51 13.52 5.56
N ARG C 170 16.07 14.35 4.66
CA ARG C 170 17.29 15.13 4.94
C ARG C 170 17.15 16.52 4.32
N VAL C 171 17.74 17.53 4.96
CA VAL C 171 17.94 18.87 4.38
C VAL C 171 19.44 19.04 4.21
N LEU C 172 19.91 19.27 2.99
CA LEU C 172 21.32 19.52 2.74
C LEU C 172 21.53 21.03 2.48
N LYS C 173 22.22 21.70 3.40
CA LYS C 173 22.53 23.14 3.25
C LYS C 173 23.76 23.27 2.36
N THR C 174 23.56 23.31 1.05
CA THR C 174 24.69 23.20 0.16
C THR C 174 25.53 24.47 0.09
N ASN C 175 25.06 25.51 0.79
CA ASN C 175 25.84 26.72 0.91
C ASN C 175 26.56 26.82 2.25
N LEU C 176 26.20 25.96 3.20
CA LEU C 176 26.81 26.03 4.53
C LEU C 176 27.70 24.82 4.81
N SER C 177 27.86 23.95 3.82
CA SER C 177 28.81 22.82 3.96
C SER C 177 29.34 22.28 2.64
N THR C 178 30.29 21.37 2.74
CA THR C 178 30.91 20.76 1.56
C THR C 178 30.01 19.70 0.90
N VAL C 179 30.32 19.39 -0.36
CA VAL C 179 29.75 18.27 -1.11
C VAL C 179 29.83 17.03 -0.23
N SER C 180 31.03 16.80 0.31
CA SER C 180 31.35 15.61 1.07
C SER C 180 30.50 15.43 2.35
N ASP C 181 30.25 16.52 3.07
CA ASP C 181 29.36 16.46 4.22
C ASP C 181 27.90 16.28 3.83
N CYS C 182 27.53 16.77 2.64
CA CYS C 182 26.14 16.66 2.23
C CYS C 182 25.87 15.22 1.85
N VAL C 183 26.73 14.67 1.00
CA VAL C 183 26.67 13.27 0.65
C VAL C 183 26.59 12.45 1.93
N HIS C 184 27.49 12.69 2.87
CA HIS C 184 27.51 11.94 4.12
C HIS C 184 26.14 11.93 4.87
N GLN C 185 25.38 13.03 4.82
CA GLN C 185 24.05 13.02 5.44
C GLN C 185 23.09 12.04 4.76
N VAL C 186 23.21 11.90 3.43
CA VAL C 186 22.39 10.95 2.68
C VAL C 186 22.87 9.52 2.94
N VAL C 187 24.18 9.30 2.85
CA VAL C 187 24.77 8.01 3.20
C VAL C 187 24.30 7.52 4.60
N GLU C 188 24.33 8.38 5.61
CA GLU C 188 23.81 8.04 6.94
C GLU C 188 22.35 7.60 6.90
N LEU C 189 21.52 8.34 6.17
CA LEU C 189 20.12 8.03 6.04
C LEU C 189 19.96 6.60 5.51
N LEU C 190 20.69 6.28 4.45
CA LEU C 190 20.68 4.95 3.86
C LEU C 190 21.19 3.89 4.84
N GLN C 191 22.20 4.24 5.62
CA GLN C 191 22.68 3.34 6.66
C GLN C 191 21.64 3.10 7.75
N GLU C 192 21.04 4.16 8.28
CA GLU C 192 19.94 4.01 9.25
C GLU C 192 18.80 3.12 8.73
N GLN C 193 18.66 3.05 7.39
CA GLN C 193 17.55 2.35 6.73
C GLN C 193 17.98 0.98 6.17
N ASN C 194 19.20 0.53 6.49
CA ASN C 194 19.71 -0.80 6.07
C ASN C 194 19.93 -1.02 4.56
N ILE C 195 19.87 0.07 3.81
CA ILE C 195 20.10 0.11 2.36
C ILE C 195 21.59 0.00 2.14
N VAL C 196 22.37 0.67 3.01
CA VAL C 196 23.83 0.73 2.88
C VAL C 196 24.51 0.31 4.17
N PRO C 197 25.51 -0.60 4.08
CA PRO C 197 26.29 -1.11 5.24
C PRO C 197 26.99 -0.02 6.03
N TYR C 198 27.23 -0.25 7.32
CA TYR C 198 28.05 0.67 8.11
C TYR C 198 29.54 0.67 7.73
N HIS D 4 28.51 11.56 -13.95
CA HIS D 4 28.24 10.07 -13.95
C HIS D 4 29.45 9.15 -13.97
N VAL D 5 29.29 7.99 -13.34
CA VAL D 5 30.28 6.91 -13.36
C VAL D 5 30.20 6.13 -14.67
N SER D 6 31.35 5.75 -15.20
CA SER D 6 31.37 5.06 -16.45
C SER D 6 30.48 3.82 -16.45
N ARG D 7 29.90 3.56 -17.63
CA ARG D 7 28.96 2.46 -17.84
C ARG D 7 29.63 1.20 -17.38
N ASN D 8 30.87 1.04 -17.80
CA ASN D 8 31.70 -0.08 -17.42
C ASN D 8 31.95 -0.24 -15.91
N LYS D 9 32.29 0.86 -15.22
CA LYS D 9 32.49 0.84 -13.76
C LYS D 9 31.20 0.47 -12.99
N ARG D 10 30.06 1.03 -13.39
CA ARG D 10 28.79 0.63 -12.79
C ARG D 10 28.50 -0.84 -13.03
N GLY D 11 28.90 -1.35 -14.19
CA GLY D 11 28.74 -2.75 -14.55
C GLY D 11 29.39 -3.72 -13.56
N GLN D 12 30.62 -3.41 -13.12
CA GLN D 12 31.34 -4.31 -12.20
C GLN D 12 30.47 -4.73 -11.03
N VAL D 13 29.74 -3.78 -10.48
CA VAL D 13 29.09 -3.98 -9.21
C VAL D 13 27.63 -4.42 -9.34
N VAL D 14 27.19 -4.68 -10.56
CA VAL D 14 25.80 -5.06 -10.74
C VAL D 14 25.46 -6.46 -10.19
N GLY D 15 26.38 -7.42 -10.36
CA GLY D 15 26.22 -8.75 -9.80
C GLY D 15 27.56 -9.36 -9.48
N THR D 16 27.57 -10.62 -9.10
CA THR D 16 28.83 -11.30 -8.78
C THR D 16 29.69 -11.62 -10.00
N ARG D 17 29.08 -11.86 -11.16
CA ARG D 17 29.81 -11.92 -12.42
C ARG D 17 30.46 -10.57 -12.77
N GLY D 18 31.61 -10.61 -13.40
CA GLY D 18 32.26 -9.35 -13.77
C GLY D 18 31.73 -8.85 -15.10
N GLY D 19 32.03 -7.62 -15.44
CA GLY D 19 31.76 -7.20 -16.80
C GLY D 19 30.51 -6.36 -16.94
N PHE D 20 30.23 -6.01 -18.19
CA PHE D 20 29.07 -5.24 -18.46
C PHE D 20 28.12 -6.14 -19.21
N ARG D 21 26.97 -6.48 -18.60
CA ARG D 21 26.04 -7.41 -19.27
C ARG D 21 24.67 -6.80 -19.66
N GLY D 22 24.58 -5.46 -19.59
CA GLY D 22 23.36 -4.74 -19.90
C GLY D 22 22.96 -4.89 -21.36
N CYS D 23 21.67 -5.09 -21.59
CA CYS D 23 21.15 -5.35 -22.90
C CYS D 23 19.63 -5.50 -22.80
N THR D 24 18.95 -5.40 -23.93
CA THR D 24 17.50 -5.53 -23.97
C THR D 24 17.11 -6.70 -24.84
N VAL D 25 16.32 -7.60 -24.25
CA VAL D 25 15.84 -8.76 -24.97
C VAL D 25 14.43 -8.42 -25.33
N TRP D 26 14.18 -8.21 -26.60
CA TRP D 26 12.87 -7.74 -27.05
C TRP D 26 12.06 -8.88 -27.69
N LEU D 27 11.03 -9.34 -26.99
CA LEU D 27 10.19 -10.38 -27.48
C LEU D 27 9.03 -9.74 -28.21
N THR D 28 8.61 -10.34 -29.31
CA THR D 28 7.47 -9.85 -30.06
C THR D 28 6.76 -11.04 -30.63
N GLY D 29 5.45 -10.88 -30.84
CA GLY D 29 4.61 -11.95 -31.36
C GLY D 29 3.16 -11.82 -30.97
N LEU D 30 2.31 -12.51 -31.71
CA LEU D 30 0.87 -12.53 -31.47
C LEU D 30 0.53 -12.75 -29.99
N SER D 31 -0.59 -12.17 -29.60
CA SER D 31 -1.15 -12.39 -28.30
C SER D 31 -1.30 -13.90 -28.12
N GLY D 32 -0.69 -14.43 -27.05
CA GLY D 32 -0.86 -15.83 -26.74
C GLY D 32 0.22 -16.71 -27.35
N ALA D 33 1.13 -16.11 -28.12
CA ALA D 33 2.15 -16.92 -28.79
C ALA D 33 3.15 -17.45 -27.81
N GLY D 34 3.36 -16.75 -26.71
CA GLY D 34 4.30 -17.26 -25.72
C GLY D 34 5.30 -16.32 -25.08
N LYS D 35 5.13 -15.01 -25.28
CA LYS D 35 6.02 -13.98 -24.70
C LYS D 35 6.17 -13.98 -23.15
N THR D 36 5.06 -14.02 -22.44
CA THR D 36 5.10 -14.05 -20.98
C THR D 36 5.82 -15.28 -20.43
N THR D 37 5.60 -16.42 -21.09
CA THR D 37 6.12 -17.71 -20.65
C THR D 37 7.61 -17.87 -20.92
N ILE D 38 8.04 -17.44 -22.11
CA ILE D 38 9.46 -17.36 -22.39
C ILE D 38 10.12 -16.33 -21.44
N SER D 39 9.46 -15.21 -21.18
CA SER D 39 10.11 -14.19 -20.41
C SER D 39 10.36 -14.67 -19.00
N PHE D 40 9.32 -15.24 -18.37
CA PHE D 40 9.45 -15.82 -17.05
C PHE D 40 10.58 -16.84 -16.97
N ALA D 41 10.57 -17.84 -17.86
CA ALA D 41 11.60 -18.86 -17.81
C ALA D 41 13.01 -18.27 -18.00
N LEU D 42 13.12 -17.20 -18.81
CA LEU D 42 14.42 -16.57 -19.07
C LEU D 42 14.86 -15.77 -17.84
N GLU D 43 13.90 -15.01 -17.29
CA GLU D 43 14.08 -14.31 -16.02
C GLU D 43 14.58 -15.29 -14.96
N GLU D 44 14.01 -16.47 -14.96
CA GLU D 44 14.39 -17.47 -13.99
C GLU D 44 15.77 -18.06 -14.30
N TYR D 45 16.08 -18.23 -15.60
CA TYR D 45 17.43 -18.60 -15.97
C TYR D 45 18.47 -17.59 -15.43
N LEU D 46 18.24 -16.33 -15.74
CA LEU D 46 19.16 -15.27 -15.38
C LEU D 46 19.39 -15.09 -13.90
N VAL D 47 18.31 -15.10 -13.11
CA VAL D 47 18.39 -15.02 -11.65
C VAL D 47 19.24 -16.19 -11.08
N SER D 48 18.95 -17.42 -11.52
CA SER D 48 19.64 -18.64 -11.07
C SER D 48 21.08 -18.69 -11.53
N HIS D 49 21.41 -17.88 -12.52
CA HIS D 49 22.82 -17.72 -12.87
C HIS D 49 23.48 -16.46 -12.25
N ALA D 50 22.84 -15.92 -11.20
CA ALA D 50 23.36 -14.73 -10.50
C ALA D 50 23.52 -13.51 -11.46
N ILE D 51 22.73 -13.50 -12.55
CA ILE D 51 22.66 -12.33 -13.45
C ILE D 51 21.35 -11.54 -13.29
N PRO D 52 21.45 -10.34 -12.67
CA PRO D 52 20.29 -9.46 -12.46
C PRO D 52 19.59 -9.01 -13.76
N CYS D 53 18.26 -9.08 -13.75
CA CYS D 53 17.44 -8.73 -14.92
C CYS D 53 16.17 -8.06 -14.46
N TYR D 54 15.41 -7.47 -15.38
CA TYR D 54 14.14 -6.92 -15.02
C TYR D 54 13.19 -7.02 -16.20
N SER D 55 11.96 -7.41 -15.91
CA SER D 55 10.96 -7.59 -16.93
C SER D 55 10.04 -6.38 -17.04
N LEU D 56 9.75 -5.96 -18.27
CA LEU D 56 8.72 -4.99 -18.53
C LEU D 56 7.65 -5.71 -19.34
N ASP D 57 6.43 -5.65 -18.83
CA ASP D 57 5.30 -6.38 -19.36
C ASP D 57 4.07 -5.48 -19.21
N GLY D 58 2.87 -5.92 -19.62
CA GLY D 58 1.68 -5.08 -19.44
C GLY D 58 1.46 -4.71 -17.98
N ASP D 59 1.60 -5.70 -17.11
CA ASP D 59 1.39 -5.57 -15.67
C ASP D 59 2.13 -4.44 -14.98
N ASN D 60 3.40 -4.21 -15.31
CA ASN D 60 4.15 -3.18 -14.60
C ASN D 60 4.31 -1.86 -15.39
N VAL D 61 3.81 -1.85 -16.62
CA VAL D 61 3.86 -0.65 -17.47
C VAL D 61 2.47 -0.05 -17.70
N ARG D 62 1.46 -0.89 -17.91
CA ARG D 62 0.20 -0.40 -18.40
C ARG D 62 -0.56 0.51 -17.41
N HIS D 63 -0.43 0.27 -16.11
CA HIS D 63 -1.14 1.06 -15.08
C HIS D 63 -0.22 2.01 -14.33
N GLY D 64 0.99 2.24 -14.83
CA GLY D 64 1.92 3.18 -14.21
C GLY D 64 2.45 4.17 -15.22
N LEU D 65 3.66 3.90 -15.72
CA LEU D 65 4.25 4.70 -16.77
C LEU D 65 3.25 5.00 -17.88
N ASN D 66 2.59 3.97 -18.40
CA ASN D 66 1.69 4.11 -19.54
C ASN D 66 0.19 4.15 -19.19
N ARG D 67 -0.13 4.59 -17.98
CA ARG D 67 -1.55 4.60 -17.53
C ARG D 67 -2.40 5.56 -18.34
N ASN D 68 -1.77 6.58 -18.93
CA ASN D 68 -2.45 7.60 -19.72
C ASN D 68 -2.58 7.31 -21.24
N LEU D 69 -2.42 6.05 -21.63
CA LEU D 69 -2.49 5.68 -23.05
C LEU D 69 -3.64 4.75 -23.40
N GLY D 70 -4.38 5.13 -24.44
CA GLY D 70 -5.48 4.34 -24.94
C GLY D 70 -5.00 3.32 -25.95
N PHE D 71 -5.84 3.08 -26.95
CA PHE D 71 -5.54 2.09 -27.96
C PHE D 71 -5.54 2.72 -29.34
N SER D 72 -5.73 4.04 -29.41
CA SER D 72 -5.52 4.78 -30.64
C SER D 72 -4.10 4.47 -31.20
N PRO D 73 -3.97 4.45 -32.54
CA PRO D 73 -2.68 4.19 -33.17
C PRO D 73 -1.59 5.09 -32.65
N GLY D 74 -1.88 6.38 -32.49
CA GLY D 74 -0.89 7.32 -31.98
C GLY D 74 -0.39 6.87 -30.61
N ASP D 75 -1.32 6.35 -29.80
CA ASP D 75 -1.07 5.97 -28.41
C ASP D 75 -0.25 4.69 -28.32
N ARG D 76 -0.64 3.70 -29.11
CA ARG D 76 0.11 2.45 -29.21
C ARG D 76 1.53 2.68 -29.72
N GLU D 77 1.72 3.71 -30.55
CA GLU D 77 3.05 4.12 -31.00
C GLU D 77 3.88 4.66 -29.84
N GLU D 78 3.29 5.57 -29.07
CA GLU D 78 3.89 6.16 -27.89
C GLU D 78 4.06 5.10 -26.78
N ASN D 79 3.09 4.19 -26.67
CA ASN D 79 3.19 3.09 -25.72
C ASN D 79 4.53 2.39 -25.87
N ILE D 80 4.81 1.94 -27.09
CA ILE D 80 6.04 1.22 -27.37
C ILE D 80 7.29 2.10 -27.26
N ARG D 81 7.17 3.36 -27.69
CA ARG D 81 8.31 4.30 -27.61
C ARG D 81 8.82 4.38 -26.15
N ARG D 82 7.90 4.62 -25.21
CA ARG D 82 8.24 4.81 -23.81
C ARG D 82 8.82 3.55 -23.26
N ILE D 83 8.29 2.42 -23.71
CA ILE D 83 8.83 1.13 -23.31
C ILE D 83 10.24 0.99 -23.86
N ALA D 84 10.46 1.41 -25.10
CA ALA D 84 11.79 1.23 -25.68
C ALA D 84 12.82 2.10 -24.92
N GLU D 85 12.43 3.32 -24.56
CA GLU D 85 13.33 4.18 -23.84
C GLU D 85 13.63 3.70 -22.41
N VAL D 86 12.68 3.00 -21.78
CA VAL D 86 12.91 2.48 -20.41
C VAL D 86 13.83 1.28 -20.48
N ALA D 87 13.51 0.37 -21.40
CA ALA D 87 14.42 -0.74 -21.64
C ALA D 87 15.86 -0.23 -21.79
N LYS D 88 16.05 0.80 -22.61
CA LYS D 88 17.38 1.39 -22.81
C LYS D 88 17.97 1.81 -21.49
N LEU D 89 17.17 2.40 -20.64
CA LEU D 89 17.74 2.87 -19.37
C LEU D 89 18.17 1.68 -18.53
N PHE D 90 17.38 0.60 -18.53
CA PHE D 90 17.77 -0.60 -17.78
C PHE D 90 19.04 -1.20 -18.34
N ALA D 91 19.12 -1.34 -19.68
CA ALA D 91 20.35 -1.85 -20.33
C ALA D 91 21.55 -0.97 -19.92
N ASP D 92 21.38 0.35 -20.03
CA ASP D 92 22.39 1.30 -19.57
C ASP D 92 22.71 1.09 -18.08
N ALA D 93 21.70 0.77 -17.28
CA ALA D 93 21.92 0.52 -15.87
C ALA D 93 22.74 -0.74 -15.61
N GLY D 94 22.87 -1.58 -16.64
CA GLY D 94 23.60 -2.82 -16.50
C GLY D 94 22.82 -4.10 -16.21
N LEU D 95 21.50 -4.05 -16.39
CA LEU D 95 20.65 -5.23 -16.27
C LEU D 95 20.26 -5.80 -17.62
N VAL D 96 19.93 -7.10 -17.66
CA VAL D 96 19.21 -7.67 -18.79
C VAL D 96 17.75 -7.30 -18.66
N CYS D 97 17.23 -6.54 -19.62
CA CYS D 97 15.84 -6.12 -19.61
C CYS D 97 15.08 -6.96 -20.64
N ILE D 98 13.92 -7.48 -20.26
CA ILE D 98 13.16 -8.40 -21.10
C ILE D 98 11.77 -7.82 -21.29
N THR D 99 11.43 -7.51 -22.53
CA THR D 99 10.12 -6.92 -22.81
C THR D 99 9.23 -7.96 -23.47
N SER D 100 7.96 -7.98 -23.11
CA SER D 100 7.04 -8.98 -23.66
C SER D 100 5.75 -8.38 -24.25
N PHE D 101 5.88 -7.37 -25.10
CA PHE D 101 4.71 -6.69 -25.70
C PHE D 101 4.53 -7.16 -27.13
N ILE D 102 3.27 -7.42 -27.52
CA ILE D 102 2.99 -7.60 -28.92
C ILE D 102 3.55 -6.27 -29.37
N SER D 103 4.56 -6.29 -30.22
CA SER D 103 4.94 -5.00 -30.77
C SER D 103 4.82 -5.27 -32.25
N PRO D 104 3.59 -5.16 -32.75
CA PRO D 104 3.26 -5.66 -34.07
C PRO D 104 3.94 -5.00 -35.25
N PHE D 105 4.39 -3.76 -35.14
CA PHE D 105 4.88 -3.06 -36.33
C PHE D 105 6.39 -3.00 -36.38
N ALA D 106 6.97 -3.42 -37.52
CA ALA D 106 8.43 -3.43 -37.71
C ALA D 106 9.04 -2.09 -37.33
N LYS D 107 8.36 -1.03 -37.77
CA LYS D 107 8.72 0.34 -37.54
C LYS D 107 8.98 0.61 -36.07
N ASP D 108 8.05 0.22 -35.19
CA ASP D 108 8.24 0.44 -33.75
C ASP D 108 9.41 -0.41 -33.22
N ARG D 109 9.51 -1.67 -33.66
CA ARG D 109 10.65 -2.55 -33.27
C ARG D 109 12.01 -2.02 -33.73
N GLU D 110 12.00 -1.41 -34.90
CA GLU D 110 13.15 -0.77 -35.49
C GLU D 110 13.61 0.45 -34.69
N ASN D 111 12.68 1.36 -34.44
CA ASN D 111 12.95 2.46 -33.55
C ASN D 111 13.56 2.10 -32.21
N ALA D 112 13.04 1.02 -31.64
CA ALA D 112 13.49 0.50 -30.37
C ALA D 112 14.92 0.00 -30.43
N ARG D 113 15.25 -0.77 -31.47
CA ARG D 113 16.63 -1.22 -31.65
C ARG D 113 17.60 -0.02 -31.83
N LYS D 114 17.11 0.92 -32.62
CA LYS D 114 17.84 2.11 -33.03
C LYS D 114 18.37 2.96 -31.85
N ILE D 115 17.50 3.28 -30.89
CA ILE D 115 17.92 3.98 -29.66
C ILE D 115 18.84 3.14 -28.75
N HIS D 116 18.85 1.82 -28.90
CA HIS D 116 19.88 1.04 -28.24
C HIS D 116 21.19 1.09 -29.04
N GLU D 117 21.15 0.83 -30.35
CA GLU D 117 22.37 0.89 -31.18
C GLU D 117 23.17 2.22 -31.03
N SER D 118 22.51 3.36 -31.27
CA SER D 118 23.06 4.69 -30.92
C SER D 118 23.90 4.69 -29.67
N ALA D 119 23.45 4.01 -28.63
CA ALA D 119 24.19 4.00 -27.37
C ALA D 119 25.12 2.80 -27.17
N GLY D 120 25.35 1.97 -28.20
CA GLY D 120 26.19 0.76 -27.98
C GLY D 120 25.61 -0.26 -26.98
N LEU D 121 24.28 -0.26 -26.82
CA LEU D 121 23.59 -1.20 -25.97
C LEU D 121 22.99 -2.34 -26.82
N PRO D 122 23.38 -3.59 -26.55
CA PRO D 122 22.94 -4.72 -27.37
C PRO D 122 21.43 -4.88 -27.28
N PHE D 123 20.80 -5.22 -28.39
CA PHE D 123 19.34 -5.33 -28.45
C PHE D 123 19.05 -6.58 -29.25
N PHE D 124 18.17 -7.45 -28.75
CA PHE D 124 17.89 -8.73 -29.39
C PHE D 124 16.41 -8.88 -29.68
N GLU D 125 16.08 -8.91 -30.96
CA GLU D 125 14.69 -9.06 -31.35
C GLU D 125 14.40 -10.55 -31.44
N ILE D 126 13.60 -11.04 -30.49
CA ILE D 126 13.22 -12.45 -30.49
C ILE D 126 11.80 -12.64 -31.02
N PHE D 127 11.68 -13.32 -32.15
CA PHE D 127 10.35 -13.61 -32.71
C PHE D 127 9.72 -14.89 -32.12
N VAL D 128 8.74 -14.64 -31.24
CA VAL D 128 7.92 -15.66 -30.57
C VAL D 128 6.79 -15.94 -31.55
N ASP D 129 6.94 -17.02 -32.30
CA ASP D 129 6.16 -17.29 -33.50
C ASP D 129 5.27 -18.55 -33.38
N ALA D 130 3.96 -18.32 -33.38
CA ALA D 130 3.01 -19.40 -33.34
C ALA D 130 1.95 -19.05 -34.37
N PRO D 131 1.28 -20.04 -34.97
CA PRO D 131 0.20 -19.60 -35.87
C PRO D 131 -0.98 -18.95 -35.13
N LEU D 132 -1.65 -18.02 -35.78
CA LEU D 132 -2.82 -17.35 -35.21
C LEU D 132 -3.91 -18.29 -34.63
N ASN D 133 -4.25 -19.34 -35.36
CA ASN D 133 -5.26 -20.29 -34.89
C ASN D 133 -4.87 -20.95 -33.56
N ILE D 134 -3.63 -21.40 -33.47
CA ILE D 134 -3.08 -21.93 -32.21
C ILE D 134 -3.16 -20.89 -31.05
N CYS D 135 -2.71 -19.67 -31.37
CA CYS D 135 -2.80 -18.57 -30.43
C CYS D 135 -4.22 -18.43 -29.97
N GLU D 136 -5.16 -18.42 -30.92
CA GLU D 136 -6.59 -18.29 -30.60
C GLU D 136 -7.14 -19.44 -29.77
N SER D 137 -6.76 -20.68 -30.08
CA SER D 137 -7.23 -21.85 -29.28
C SER D 137 -6.75 -21.70 -27.87
N ARG D 138 -5.57 -21.11 -27.71
CA ARG D 138 -4.98 -20.94 -26.39
C ARG D 138 -5.81 -19.93 -25.62
N ASP D 139 -6.22 -18.85 -26.30
CA ASP D 139 -6.95 -17.76 -25.66
C ASP D 139 -6.63 -17.65 -24.17
N VAL D 140 -5.35 -17.40 -23.87
CA VAL D 140 -4.80 -17.38 -22.50
C VAL D 140 -5.51 -16.44 -21.49
N LYS D 141 -6.00 -15.30 -21.95
CA LYS D 141 -6.66 -14.34 -21.08
C LYS D 141 -8.12 -14.06 -21.48
N GLY D 142 -8.65 -14.82 -22.45
CA GLY D 142 -10.02 -14.60 -22.93
C GLY D 142 -10.18 -13.50 -23.97
N LEU D 143 -9.06 -12.89 -24.36
CA LEU D 143 -9.05 -11.76 -25.29
C LEU D 143 -9.58 -12.08 -26.70
N TYR D 144 -9.44 -13.33 -27.14
CA TYR D 144 -9.80 -13.62 -28.53
C TYR D 144 -11.29 -13.67 -28.72
N LYS D 145 -11.97 -14.46 -27.88
CA LYS D 145 -13.43 -14.53 -27.99
C LYS D 145 -14.04 -13.11 -27.83
N ARG D 146 -13.50 -12.34 -26.90
CA ARG D 146 -13.88 -10.94 -26.72
C ARG D 146 -13.66 -10.08 -27.99
N ALA D 147 -12.50 -10.22 -28.64
CA ALA D 147 -12.20 -9.43 -29.85
C ALA D 147 -12.97 -9.88 -31.11
N ARG D 148 -13.35 -11.17 -31.16
CA ARG D 148 -14.22 -11.71 -32.20
C ARG D 148 -15.68 -11.29 -32.00
N ALA D 149 -16.11 -11.23 -30.73
CA ALA D 149 -17.46 -10.76 -30.35
C ALA D 149 -17.62 -9.23 -30.35
N GLY D 150 -16.67 -8.52 -30.97
CA GLY D 150 -16.76 -7.06 -31.13
C GLY D 150 -16.43 -6.20 -29.92
N GLU D 151 -16.20 -6.82 -28.76
CA GLU D 151 -15.92 -6.09 -27.50
C GLU D 151 -14.57 -5.38 -27.46
N ILE D 152 -13.53 -6.00 -28.03
CA ILE D 152 -12.28 -5.28 -28.28
C ILE D 152 -12.18 -5.00 -29.77
N LYS D 153 -11.74 -3.79 -30.13
CA LYS D 153 -11.50 -3.44 -31.53
C LYS D 153 -10.04 -3.10 -31.83
N GLY D 154 -9.66 -3.26 -33.09
CA GLY D 154 -8.29 -3.02 -33.50
C GLY D 154 -7.34 -4.04 -32.90
N PHE D 155 -7.85 -5.24 -32.63
CA PHE D 155 -7.05 -6.27 -31.97
C PHE D 155 -6.07 -6.97 -32.90
N THR D 156 -4.80 -6.96 -32.55
CA THR D 156 -3.74 -7.43 -33.44
C THR D 156 -3.87 -8.92 -33.74
N GLY D 157 -3.86 -9.26 -35.03
CA GLY D 157 -4.17 -10.62 -35.49
C GLY D 157 -5.59 -10.83 -36.00
N ILE D 158 -6.53 -9.97 -35.58
CA ILE D 158 -7.95 -10.08 -35.98
C ILE D 158 -8.39 -8.91 -36.86
N ASP D 159 -8.35 -7.70 -36.30
CA ASP D 159 -8.67 -6.51 -37.10
C ASP D 159 -7.57 -5.42 -37.02
N SER D 160 -6.31 -5.88 -37.09
CA SER D 160 -5.13 -5.03 -37.29
C SER D 160 -3.94 -5.95 -37.56
N ASP D 161 -2.94 -5.46 -38.30
CA ASP D 161 -1.86 -6.32 -38.77
C ASP D 161 -0.92 -6.69 -37.66
N TYR D 162 -0.40 -7.91 -37.71
CA TYR D 162 0.87 -8.19 -37.03
C TYR D 162 1.91 -8.33 -38.12
N GLU D 163 3.01 -7.59 -38.01
CA GLU D 163 4.05 -7.65 -39.03
C GLU D 163 5.13 -8.59 -38.57
N LYS D 164 5.23 -9.76 -39.19
CA LYS D 164 6.29 -10.71 -38.92
C LYS D 164 7.68 -10.06 -39.11
N PRO D 165 8.58 -10.21 -38.13
CA PRO D 165 9.92 -9.68 -38.29
C PRO D 165 10.70 -10.33 -39.44
N GLU D 166 11.38 -9.47 -40.22
CA GLU D 166 12.33 -9.86 -41.27
C GLU D 166 13.62 -10.51 -40.79
N THR D 167 14.28 -9.88 -39.81
CA THR D 167 15.64 -10.29 -39.47
C THR D 167 15.84 -10.45 -37.96
N PRO D 168 14.98 -11.26 -37.29
CA PRO D 168 15.12 -11.30 -35.84
C PRO D 168 16.25 -12.23 -35.44
N GLU D 169 16.93 -11.92 -34.34
CA GLU D 169 18.04 -12.74 -33.83
C GLU D 169 17.69 -14.22 -33.51
N ARG D 170 16.46 -14.49 -33.08
CA ARG D 170 16.01 -15.88 -32.95
C ARG D 170 14.55 -15.97 -33.30
N VAL D 171 14.14 -17.14 -33.76
CA VAL D 171 12.73 -17.42 -34.04
C VAL D 171 12.34 -18.59 -33.14
N LEU D 172 11.44 -18.36 -32.19
CA LEU D 172 10.97 -19.42 -31.32
C LEU D 172 9.67 -19.98 -31.84
N LYS D 173 9.72 -21.23 -32.24
CA LYS D 173 8.57 -21.92 -32.80
C LYS D 173 7.79 -22.55 -31.65
N THR D 174 6.92 -21.77 -31.01
CA THR D 174 6.32 -22.17 -29.73
C THR D 174 5.17 -23.16 -29.88
N ASN D 175 4.81 -23.50 -31.13
CA ASN D 175 3.84 -24.57 -31.39
C ASN D 175 4.54 -25.86 -31.81
N LEU D 176 5.88 -25.84 -31.86
CA LEU D 176 6.63 -26.98 -32.36
C LEU D 176 7.73 -27.46 -31.43
N SER D 177 7.95 -26.78 -30.30
CA SER D 177 8.91 -27.26 -29.32
C SER D 177 8.55 -26.78 -27.93
N THR D 178 9.26 -27.29 -26.92
CA THR D 178 9.02 -26.90 -25.52
C THR D 178 9.50 -25.50 -25.15
N VAL D 179 8.88 -24.95 -24.11
CA VAL D 179 9.36 -23.73 -23.47
C VAL D 179 10.83 -23.81 -23.24
N SER D 180 11.31 -24.98 -22.80
CA SER D 180 12.71 -25.14 -22.41
C SER D 180 13.67 -25.04 -23.59
N ASP D 181 13.34 -25.70 -24.69
CA ASP D 181 14.12 -25.60 -25.91
C ASP D 181 14.08 -24.18 -26.45
N CYS D 182 12.94 -23.51 -26.27
CA CYS D 182 12.78 -22.12 -26.73
C CYS D 182 13.66 -21.10 -25.98
N VAL D 183 13.64 -21.23 -24.66
CA VAL D 183 14.47 -20.44 -23.76
C VAL D 183 15.93 -20.63 -24.16
N HIS D 184 16.26 -21.85 -24.50
CA HIS D 184 17.63 -22.21 -24.79
C HIS D 184 18.14 -21.49 -26.05
N GLN D 185 17.26 -21.31 -27.04
CA GLN D 185 17.62 -20.53 -28.21
C GLN D 185 18.00 -19.13 -27.76
N VAL D 186 17.32 -18.59 -26.77
CA VAL D 186 17.65 -17.23 -26.38
C VAL D 186 18.96 -17.21 -25.58
N VAL D 187 19.12 -18.18 -24.68
CA VAL D 187 20.30 -18.32 -23.83
C VAL D 187 21.57 -18.48 -24.66
N GLU D 188 21.54 -19.38 -25.67
CA GLU D 188 22.63 -19.52 -26.65
C GLU D 188 22.94 -18.20 -27.32
N LEU D 189 21.91 -17.46 -27.71
CA LEU D 189 22.13 -16.12 -28.23
C LEU D 189 22.96 -15.28 -27.22
N LEU D 190 22.48 -15.20 -25.97
CA LEU D 190 23.09 -14.35 -24.97
C LEU D 190 24.50 -14.84 -24.62
N GLN D 191 24.74 -16.13 -24.78
CA GLN D 191 26.04 -16.68 -24.49
C GLN D 191 27.00 -16.30 -25.63
N GLU D 192 26.53 -16.46 -26.88
CA GLU D 192 27.28 -16.06 -28.09
C GLU D 192 27.67 -14.58 -28.07
N GLN D 193 26.79 -13.74 -27.52
CA GLN D 193 27.02 -12.32 -27.46
C GLN D 193 27.69 -11.82 -26.15
N ASN D 194 28.18 -12.74 -25.31
CA ASN D 194 28.89 -12.37 -24.05
C ASN D 194 28.11 -11.72 -22.89
N ILE D 195 26.82 -11.96 -22.86
CA ILE D 195 25.98 -11.44 -21.81
C ILE D 195 25.93 -12.52 -20.72
N VAL D 196 25.92 -13.79 -21.14
CA VAL D 196 25.78 -14.91 -20.23
C VAL D 196 26.96 -15.83 -20.41
N PRO D 197 27.63 -16.21 -19.32
CA PRO D 197 28.80 -17.10 -19.47
C PRO D 197 28.37 -18.46 -20.01
N TYR D 198 29.30 -19.18 -20.63
CA TYR D 198 29.06 -20.59 -21.04
C TYR D 198 29.14 -21.52 -19.81
#